data_7FDK
#
_entry.id   7FDK
#
loop_
_entity.id
_entity.type
_entity.pdbx_description
1 polymer 'Angiotensin-converting enzyme 2'
2 polymer 'Spike protein S1'
3 non-polymer 2-acetamido-2-deoxy-beta-D-glucopyranose
#
loop_
_entity_poly.entity_id
_entity_poly.type
_entity_poly.pdbx_seq_one_letter_code
_entity_poly.pdbx_strand_id
1 'polypeptide(L)'
;MSSSSWLLLSLVAVTAAQSLTEENAKTFLNNFNQEAEDLSYQSSLASWNYNTNITEENAQKMSEAAAKWSAFYEEQSKTA
QSFSLQEIQTPIIKRQLQALQQSGSSALSADKNKQLNTILNTMSTIYSTGKVCNPKNPQECLLLEPGLDEIMATSTDYNS
RLWAWEGWRAEVGKQLRPLYEEYVVLKNEMARANNYNDYGDYWRGDYEAEGADGYNYNRGQLIEDVEHTFAEIKPLYEHL
HAYVRRKLMDTYPSYISPTGCLPAHLLGDMWGRFWTNLYPLTVPFAQKPNIDVTDAMMNQGWDAERIFKEAEKFFVSVGL
PHMTQGFWANSMLTDEADGRKVVCHPTAWDLGHGDFRIKMCTKVTMDNFLTAHHEMGHIQYDMAYARQPFLLRNGANEGF
HEAVGEIMSLSAATPKHLKSIGLLPSDFQEDSETEINFLLKQALTIVGTLPFTYMLEKWRWMVFRGEIPKEQWMKKWWEM
KREIVGVVEPLPHDETYCDPASLFHVSNDYSFIRYYTRTIYQFQFQEALCQAAKYNGSLHKCDISNSTEAGQKLLKMLSL
GNSEPWTKALENVVGARNMDVKPLLNYFQPLFDWLKEQNRNSFVGWNTEWSPYADHHHHHH
;
A
2 'polypeptide(L)'
;MFVFLVLLPLVSSTNLCPFGEVFNATRFASVYAWNRKRISNCVADYSVLYNSASFSTFKCYGVSPTKLNDLCFTNVYADS
FVIRGDEVRQIAPGQTGNIADYNYKLPDDFTGCVIAWNSNNLDSKVGGNYNYLYRLFRKSNLKPFERDISTEIYQAGSTP
CNGVEGFNCYFPLHSYGFQPTYGVGYQPYRVVVLSFELLHAPATVCGHHHHHH
;
E
#
# COMPACT_ATOMS: atom_id res chain seq x y z
N SER A 19 17.49 28.02 16.58
CA SER A 19 18.45 27.73 17.64
C SER A 19 19.31 26.53 17.30
N LEU A 20 19.07 25.41 17.97
CA LEU A 20 19.77 24.18 17.70
C LEU A 20 19.30 23.58 16.38
N THR A 21 19.93 22.48 15.98
CA THR A 21 19.59 21.83 14.72
C THR A 21 18.14 21.32 14.70
N GLU A 22 17.47 21.29 15.85
CA GLU A 22 16.10 20.80 15.89
C GLU A 22 15.17 21.70 15.07
N GLU A 23 15.21 23.00 15.30
CA GLU A 23 14.30 23.91 14.61
C GLU A 23 14.60 23.97 13.12
N ASN A 24 15.89 23.92 12.76
CA ASN A 24 16.25 23.89 11.34
C ASN A 24 15.74 22.62 10.69
N ALA A 25 15.84 21.49 11.40
CA ALA A 25 15.30 20.26 10.85
C ALA A 25 13.80 20.33 10.69
N LYS A 26 13.10 20.87 11.69
CA LYS A 26 11.64 20.95 11.61
C LYS A 26 11.20 21.81 10.44
N THR A 27 11.85 22.97 10.27
CA THR A 27 11.56 23.83 9.13
C THR A 27 11.81 23.11 7.81
N PHE A 28 12.95 22.42 7.70
CA PHE A 28 13.24 21.74 6.46
C PHE A 28 12.20 20.67 6.16
N LEU A 29 11.70 20.01 7.19
CA LEU A 29 10.68 18.99 6.98
C LEU A 29 9.37 19.61 6.53
N ASN A 30 9.02 20.77 7.09
CA ASN A 30 7.83 21.46 6.59
C ASN A 30 7.94 21.73 5.09
N ASN A 31 9.05 22.35 4.67
CA ASN A 31 9.18 22.67 3.25
C ASN A 31 9.15 21.41 2.39
N PHE A 32 9.91 20.39 2.81
CA PHE A 32 9.99 19.18 2.01
C PHE A 32 8.63 18.52 1.86
N ASN A 33 7.84 18.47 2.94
CA ASN A 33 6.51 17.90 2.83
C ASN A 33 5.68 18.68 1.83
N GLN A 34 5.61 20.00 2.04
CA GLN A 34 4.65 20.80 1.31
C GLN A 34 4.96 20.83 -0.17
N GLU A 35 6.19 20.46 -0.56
CA GLU A 35 6.47 20.39 -2.00
C GLU A 35 6.40 18.97 -2.53
N ALA A 36 6.89 18.00 -1.75
CA ALA A 36 6.95 16.63 -2.22
C ALA A 36 5.56 16.06 -2.42
N GLU A 37 4.59 16.51 -1.63
CA GLU A 37 3.23 16.03 -1.83
C GLU A 37 2.77 16.23 -3.26
N ASP A 38 2.85 17.48 -3.74
CA ASP A 38 2.33 17.80 -5.06
C ASP A 38 3.19 17.17 -6.15
N LEU A 39 4.51 17.15 -5.96
CA LEU A 39 5.35 16.51 -6.97
C LEU A 39 4.98 15.05 -7.14
N SER A 40 4.83 14.33 -6.01
CA SER A 40 4.49 12.92 -6.05
C SER A 40 3.11 12.71 -6.65
N TYR A 41 2.14 13.55 -6.27
CA TYR A 41 0.81 13.43 -6.83
C TYR A 41 0.84 13.49 -8.34
N GLN A 42 1.50 14.50 -8.89
CA GLN A 42 1.46 14.67 -10.34
C GLN A 42 2.17 13.51 -11.03
N SER A 43 3.32 13.10 -10.49
CA SER A 43 4.03 11.98 -11.10
C SER A 43 3.18 10.72 -11.09
N SER A 44 2.57 10.42 -9.95
CA SER A 44 1.82 9.18 -9.82
C SER A 44 0.51 9.24 -10.58
N LEU A 45 -0.03 10.42 -10.81
CA LEU A 45 -1.24 10.49 -11.62
C LEU A 45 -0.90 10.28 -13.08
N ALA A 46 0.26 10.74 -13.52
CA ALA A 46 0.71 10.39 -14.86
C ALA A 46 0.87 8.88 -14.98
N SER A 47 1.51 8.27 -13.98
CA SER A 47 1.68 6.82 -13.97
C SER A 47 0.35 6.09 -14.01
N TRP A 48 -0.64 6.59 -13.27
CA TRP A 48 -1.99 6.05 -13.33
C TRP A 48 -2.53 6.13 -14.74
N ASN A 49 -2.58 7.34 -15.31
CA ASN A 49 -3.17 7.52 -16.63
C ASN A 49 -2.51 6.61 -17.65
N TYR A 50 -1.25 6.27 -17.45
CA TYR A 50 -0.65 5.26 -18.32
C TYR A 50 -1.34 3.91 -18.14
N ASN A 51 -1.39 3.41 -16.91
CA ASN A 51 -1.88 2.07 -16.62
C ASN A 51 -3.38 1.92 -16.80
N THR A 52 -4.04 2.93 -17.34
CA THR A 52 -5.44 2.83 -17.70
C THR A 52 -5.68 3.00 -19.18
N ASN A 53 -4.78 3.70 -19.88
CA ASN A 53 -5.01 4.17 -21.23
C ASN A 53 -3.73 4.05 -22.04
N ILE A 54 -3.08 2.89 -21.99
CA ILE A 54 -1.74 2.75 -22.56
C ILE A 54 -1.74 3.17 -24.03
N THR A 55 -1.01 4.24 -24.32
CA THR A 55 -0.76 4.72 -25.68
C THR A 55 0.71 5.09 -25.76
N GLU A 56 1.08 5.80 -26.83
CA GLU A 56 2.41 6.40 -26.89
C GLU A 56 2.42 7.73 -26.15
N GLU A 57 1.26 8.41 -26.13
CA GLU A 57 1.17 9.71 -25.48
C GLU A 57 1.38 9.58 -23.97
N ASN A 58 0.55 8.78 -23.30
CA ASN A 58 0.69 8.62 -21.87
C ASN A 58 1.99 7.92 -21.52
N ALA A 59 2.49 7.06 -22.43
CA ALA A 59 3.79 6.45 -22.19
C ALA A 59 4.89 7.50 -22.10
N GLN A 60 4.92 8.45 -23.04
CA GLN A 60 5.87 9.54 -22.92
C GLN A 60 5.61 10.37 -21.68
N LYS A 61 4.36 10.70 -21.40
CA LYS A 61 4.02 11.58 -20.29
C LYS A 61 4.42 11.01 -18.95
N MET A 62 4.72 9.73 -18.87
CA MET A 62 5.29 9.11 -17.67
C MET A 62 6.74 9.51 -17.45
N SER A 63 7.42 9.98 -18.48
CA SER A 63 8.84 10.25 -18.39
C SER A 63 9.13 11.52 -17.60
N GLU A 64 8.53 12.64 -18.01
CA GLU A 64 8.92 13.94 -17.46
C GLU A 64 8.56 14.04 -15.98
N ALA A 65 7.37 13.61 -15.59
CA ALA A 65 6.96 13.79 -14.20
C ALA A 65 7.75 12.86 -13.28
N ALA A 66 8.00 11.64 -13.72
CA ALA A 66 8.82 10.74 -12.92
C ALA A 66 10.24 11.27 -12.78
N ALA A 67 10.81 11.80 -13.86
CA ALA A 67 12.13 12.41 -13.78
C ALA A 67 12.12 13.57 -12.81
N LYS A 68 11.07 14.38 -12.83
CA LYS A 68 10.99 15.51 -11.91
C LYS A 68 10.96 15.03 -10.47
N TRP A 69 10.20 13.97 -10.20
CA TRP A 69 10.12 13.48 -8.82
C TRP A 69 11.48 12.94 -8.37
N SER A 70 12.11 12.11 -9.19
CA SER A 70 13.42 11.57 -8.83
C SER A 70 14.42 12.69 -8.60
N ALA A 71 14.38 13.73 -9.43
CA ALA A 71 15.31 14.83 -9.29
C ALA A 71 15.06 15.59 -8.00
N PHE A 72 13.80 15.87 -7.68
CA PHE A 72 13.51 16.53 -6.42
C PHE A 72 14.02 15.71 -5.24
N TYR A 73 13.86 14.39 -5.32
CA TYR A 73 14.32 13.56 -4.21
C TYR A 73 15.82 13.62 -4.06
N GLU A 74 16.56 13.42 -5.16
CA GLU A 74 18.02 13.54 -5.11
C GLU A 74 18.42 14.86 -4.47
N GLU A 75 17.91 15.97 -5.00
CA GLU A 75 18.35 17.29 -4.58
C GLU A 75 17.97 17.57 -3.14
N GLN A 76 16.81 17.10 -2.68
CA GLN A 76 16.38 17.45 -1.35
C GLN A 76 16.88 16.47 -0.30
N SER A 77 17.39 15.32 -0.73
CA SER A 77 18.03 14.40 0.20
C SER A 77 19.49 14.80 0.42
N LYS A 78 20.17 15.27 -0.65
CA LYS A 78 21.55 15.69 -0.50
C LYS A 78 21.69 16.78 0.55
N THR A 79 20.62 17.53 0.79
CA THR A 79 20.70 18.66 1.72
C THR A 79 20.53 18.23 3.17
N ALA A 80 19.81 17.13 3.39
CA ALA A 80 19.46 16.73 4.76
C ALA A 80 20.53 15.79 5.32
N GLN A 81 21.78 16.25 5.24
CA GLN A 81 22.87 15.45 5.77
C GLN A 81 23.79 16.31 6.61
N SER A 82 23.64 17.62 6.50
CA SER A 82 24.26 18.51 7.48
C SER A 82 23.58 18.38 8.84
N PHE A 83 22.36 17.85 8.86
CA PHE A 83 21.67 17.58 10.10
C PHE A 83 22.22 16.31 10.73
N SER A 84 23.39 16.41 11.36
CA SER A 84 23.98 15.24 11.99
C SER A 84 23.11 14.78 13.14
N LEU A 85 22.61 13.54 13.06
CA LEU A 85 21.68 13.08 14.09
C LEU A 85 22.41 12.80 15.38
N GLN A 86 22.67 13.84 16.16
CA GLN A 86 23.17 13.66 17.52
C GLN A 86 22.36 14.56 18.44
N GLU A 87 21.79 15.61 17.88
CA GLU A 87 21.03 16.60 18.63
C GLU A 87 19.54 16.48 18.41
N ILE A 88 19.07 15.41 17.79
CA ILE A 88 17.65 15.18 17.58
C ILE A 88 17.09 14.47 18.80
N GLN A 89 16.43 15.22 19.68
CA GLN A 89 15.86 14.61 20.87
C GLN A 89 14.50 13.98 20.58
N THR A 90 13.63 14.69 19.86
CA THR A 90 12.29 14.19 19.60
C THR A 90 12.35 12.99 18.67
N PRO A 91 11.52 11.96 18.89
CA PRO A 91 11.67 10.72 18.11
C PRO A 91 11.10 10.82 16.71
N ILE A 92 9.98 11.54 16.53
CA ILE A 92 9.32 11.65 15.23
C ILE A 92 10.29 12.20 14.20
N ILE A 93 10.87 13.36 14.51
CA ILE A 93 11.80 13.99 13.58
C ILE A 93 13.02 13.11 13.35
N LYS A 94 13.43 12.38 14.39
CA LYS A 94 14.58 11.48 14.24
C LYS A 94 14.28 10.41 13.21
N ARG A 95 13.11 9.78 13.31
CA ARG A 95 12.72 8.76 12.35
C ARG A 95 12.56 9.36 10.96
N GLN A 96 12.00 10.56 10.87
CA GLN A 96 11.83 11.20 9.58
C GLN A 96 13.18 11.39 8.90
N LEU A 97 14.11 12.04 9.57
CA LEU A 97 15.42 12.28 8.97
C LEU A 97 16.12 10.96 8.67
N GLN A 98 16.01 9.98 9.57
CA GLN A 98 16.57 8.66 9.31
C GLN A 98 16.00 8.04 8.06
N ALA A 99 14.73 8.31 7.74
CA ALA A 99 14.15 7.78 6.52
C ALA A 99 14.58 8.56 5.28
N LEU A 100 14.75 9.87 5.40
CA LEU A 100 15.09 10.69 4.25
C LEU A 100 16.58 10.64 3.89
N GLN A 101 17.44 10.20 4.80
CA GLN A 101 18.87 10.29 4.58
C GLN A 101 19.41 9.14 3.74
N GLN A 102 18.57 8.46 2.97
CA GLN A 102 19.00 7.36 2.12
C GLN A 102 18.96 7.81 0.67
N SER A 103 20.10 7.75 0.00
CA SER A 103 20.20 8.15 -1.39
C SER A 103 19.82 7.03 -2.35
N GLY A 104 19.10 6.02 -1.88
CA GLY A 104 18.75 4.90 -2.73
C GLY A 104 19.99 4.21 -3.26
N SER A 105 20.26 4.38 -4.56
CA SER A 105 21.46 3.87 -5.18
C SER A 105 22.44 4.97 -5.55
N SER A 106 22.17 6.21 -5.12
CA SER A 106 22.98 7.34 -5.56
C SER A 106 24.40 7.27 -5.01
N ALA A 107 24.65 6.45 -3.99
CA ALA A 107 25.98 6.38 -3.41
C ALA A 107 27.03 5.88 -4.39
N LEU A 108 26.63 5.47 -5.58
CA LEU A 108 27.57 5.12 -6.64
C LEU A 108 27.97 6.36 -7.43
N SER A 109 29.07 6.24 -8.15
CA SER A 109 29.38 7.19 -9.20
C SER A 109 28.32 7.11 -10.29
N ALA A 110 28.23 8.15 -11.11
CA ALA A 110 27.18 8.22 -12.11
C ALA A 110 27.26 7.03 -13.07
N ASP A 111 28.48 6.61 -13.40
CA ASP A 111 28.64 5.51 -14.34
C ASP A 111 28.12 4.20 -13.77
N LYS A 112 28.44 3.90 -12.51
CA LYS A 112 27.96 2.66 -11.91
C LYS A 112 26.45 2.68 -11.75
N ASN A 113 25.87 3.82 -11.39
CA ASN A 113 24.42 3.93 -11.30
C ASN A 113 23.77 3.69 -12.66
N LYS A 114 24.37 4.24 -13.72
CA LYS A 114 23.88 3.99 -15.06
C LYS A 114 23.93 2.51 -15.38
N GLN A 115 25.07 1.87 -15.11
CA GLN A 115 25.19 0.43 -15.32
C GLN A 115 24.12 -0.33 -14.56
N LEU A 116 23.84 0.09 -13.33
CA LEU A 116 22.89 -0.63 -12.49
C LEU A 116 21.49 -0.54 -13.07
N ASN A 117 21.05 0.67 -13.42
CA ASN A 117 19.72 0.79 -14.00
C ASN A 117 19.63 0.08 -15.35
N THR A 118 20.73 0.11 -16.12
CA THR A 118 20.76 -0.65 -17.37
C THR A 118 20.52 -2.12 -17.11
N ILE A 119 21.28 -2.71 -16.20
CA ILE A 119 21.21 -4.14 -15.96
C ILE A 119 19.86 -4.52 -15.38
N LEU A 120 19.32 -3.69 -14.48
CA LEU A 120 17.98 -3.95 -13.96
C LEU A 120 16.96 -3.97 -15.08
N ASN A 121 17.07 -3.05 -16.04
CA ASN A 121 16.09 -3.05 -17.12
C ASN A 121 16.29 -4.22 -18.06
N THR A 122 17.55 -4.65 -18.27
CA THR A 122 17.77 -5.89 -19.00
C THR A 122 17.04 -7.04 -18.33
N MET A 123 17.13 -7.13 -16.99
CA MET A 123 16.39 -8.15 -16.26
C MET A 123 14.90 -8.05 -16.55
N SER A 124 14.34 -6.85 -16.36
CA SER A 124 12.89 -6.70 -16.50
C SER A 124 12.43 -7.13 -17.90
N THR A 125 13.13 -6.67 -18.93
CA THR A 125 12.67 -6.97 -20.28
C THR A 125 12.90 -8.45 -20.60
N ILE A 126 14.03 -9.00 -20.20
CA ILE A 126 14.32 -10.40 -20.52
C ILE A 126 13.42 -11.32 -19.73
N TYR A 127 12.76 -10.80 -18.70
CA TYR A 127 11.66 -11.55 -18.11
C TYR A 127 10.38 -11.36 -18.92
N SER A 128 10.16 -10.15 -19.44
CA SER A 128 8.95 -9.90 -20.21
C SER A 128 8.96 -10.69 -21.52
N THR A 129 10.12 -10.82 -22.16
CA THR A 129 10.27 -11.69 -23.31
C THR A 129 10.66 -13.10 -22.84
N GLY A 130 11.10 -13.94 -23.78
CA GLY A 130 11.54 -15.27 -23.42
C GLY A 130 10.64 -16.34 -24.00
N LYS A 131 11.18 -17.15 -24.90
CA LYS A 131 10.39 -18.09 -25.66
C LYS A 131 11.05 -19.46 -25.66
N VAL A 132 10.22 -20.49 -25.76
CA VAL A 132 10.65 -21.88 -25.91
C VAL A 132 9.75 -22.56 -26.91
N CYS A 133 10.34 -23.32 -27.83
CA CYS A 133 9.60 -24.02 -28.87
C CYS A 133 9.68 -25.52 -28.61
N ASN A 134 8.52 -26.19 -28.62
CA ASN A 134 8.47 -27.60 -28.26
C ASN A 134 9.43 -28.43 -29.11
N PRO A 135 10.03 -29.48 -28.56
CA PRO A 135 11.05 -30.21 -29.31
C PRO A 135 10.48 -31.09 -30.42
N LYS A 136 9.27 -31.65 -30.22
CA LYS A 136 8.59 -32.32 -31.31
C LYS A 136 7.73 -31.36 -32.12
N ASN A 137 7.37 -30.21 -31.54
CA ASN A 137 6.58 -29.18 -32.22
C ASN A 137 7.46 -27.95 -32.34
N PRO A 138 8.35 -27.89 -33.35
CA PRO A 138 9.23 -26.73 -33.49
C PRO A 138 8.50 -25.44 -33.83
N GLN A 139 7.17 -25.46 -33.91
CA GLN A 139 6.40 -24.30 -34.31
C GLN A 139 5.60 -23.69 -33.17
N GLU A 140 5.02 -24.51 -32.29
CA GLU A 140 4.32 -23.98 -31.12
C GLU A 140 5.36 -23.51 -30.12
N CYS A 141 5.80 -22.28 -30.32
CA CYS A 141 6.85 -21.66 -29.52
C CYS A 141 6.22 -20.59 -28.65
N LEU A 142 6.14 -20.85 -27.35
CA LEU A 142 5.39 -20.02 -26.44
C LEU A 142 6.35 -19.26 -25.53
N LEU A 143 5.75 -18.50 -24.63
CA LEU A 143 6.47 -17.69 -23.66
C LEU A 143 5.98 -18.03 -22.27
N LEU A 144 6.71 -17.54 -21.26
CA LEU A 144 6.39 -17.85 -19.87
C LEU A 144 4.94 -17.52 -19.55
N GLU A 145 4.57 -16.25 -19.71
CA GLU A 145 3.21 -15.80 -19.45
C GLU A 145 2.31 -16.42 -20.50
N PRO A 146 0.98 -16.18 -20.52
CA PRO A 146 0.06 -17.33 -20.62
C PRO A 146 0.20 -18.15 -21.90
N GLY A 147 1.42 -18.67 -22.09
CA GLY A 147 1.68 -19.76 -23.00
C GLY A 147 2.30 -20.94 -22.28
N LEU A 148 3.05 -20.66 -21.21
CA LEU A 148 3.67 -21.73 -20.43
C LEU A 148 2.95 -22.00 -19.13
N ASP A 149 2.25 -21.00 -18.59
CA ASP A 149 1.58 -21.18 -17.30
C ASP A 149 0.52 -22.27 -17.39
N GLU A 150 -0.30 -22.25 -18.45
CA GLU A 150 -1.37 -23.23 -18.55
C GLU A 150 -0.83 -24.61 -18.89
N ILE A 151 0.32 -24.69 -19.56
CA ILE A 151 0.94 -25.98 -19.81
C ILE A 151 1.36 -26.63 -18.49
N MET A 152 2.06 -25.89 -17.65
CA MET A 152 2.46 -26.37 -16.32
C MET A 152 1.46 -25.98 -15.25
N ALA A 153 0.17 -26.17 -15.53
CA ALA A 153 -0.82 -26.05 -14.47
C ALA A 153 -1.77 -27.23 -14.47
N THR A 154 -2.17 -27.67 -15.67
CA THR A 154 -3.22 -28.68 -15.82
C THR A 154 -2.81 -29.81 -16.74
N SER A 155 -1.92 -29.55 -17.71
CA SER A 155 -1.50 -30.62 -18.61
C SER A 155 -0.71 -31.65 -17.82
N THR A 156 -1.36 -32.78 -17.53
CA THR A 156 -0.82 -33.70 -16.54
C THR A 156 0.28 -34.59 -17.11
N ASP A 157 0.39 -34.67 -18.43
CA ASP A 157 1.41 -35.53 -19.04
C ASP A 157 2.79 -35.19 -18.51
N TYR A 158 3.49 -36.23 -18.04
CA TYR A 158 4.76 -36.04 -17.36
C TYR A 158 5.78 -35.34 -18.27
N ASN A 159 6.12 -35.99 -19.38
CA ASN A 159 7.22 -35.50 -20.21
C ASN A 159 6.93 -34.10 -20.75
N SER A 160 5.66 -33.78 -20.97
CA SER A 160 5.31 -32.45 -21.47
C SER A 160 5.79 -31.36 -20.52
N ARG A 161 5.25 -31.37 -19.29
CA ARG A 161 5.63 -30.36 -18.32
C ARG A 161 7.11 -30.48 -17.97
N LEU A 162 7.64 -31.70 -17.95
CA LEU A 162 9.07 -31.89 -17.73
C LEU A 162 9.87 -31.02 -18.70
N TRP A 163 9.66 -31.23 -19.99
CA TRP A 163 10.41 -30.47 -20.97
C TRP A 163 10.06 -28.98 -20.91
N ALA A 164 8.82 -28.64 -20.59
CA ALA A 164 8.45 -27.23 -20.52
C ALA A 164 9.26 -26.50 -19.46
N TRP A 165 9.17 -26.97 -18.22
CA TRP A 165 9.98 -26.43 -17.13
C TRP A 165 11.46 -26.43 -17.50
N GLU A 166 11.94 -27.56 -18.05
CA GLU A 166 13.36 -27.68 -18.35
C GLU A 166 13.81 -26.61 -19.35
N GLY A 167 13.06 -26.46 -20.44
CA GLY A 167 13.45 -25.49 -21.45
C GLY A 167 13.37 -24.07 -20.96
N TRP A 168 12.32 -23.76 -20.19
CA TRP A 168 12.23 -22.42 -19.62
C TRP A 168 13.45 -22.12 -18.75
N ARG A 169 13.78 -23.02 -17.83
CA ARG A 169 14.94 -22.82 -16.97
C ARG A 169 16.21 -22.69 -17.80
N ALA A 170 16.36 -23.54 -18.81
CA ALA A 170 17.61 -23.53 -19.59
C ALA A 170 17.78 -22.21 -20.33
N GLU A 171 16.73 -21.77 -21.02
CA GLU A 171 16.80 -20.49 -21.74
C GLU A 171 17.11 -19.35 -20.78
N VAL A 172 16.31 -19.21 -19.72
CA VAL A 172 16.49 -18.05 -18.86
C VAL A 172 17.82 -18.14 -18.11
N GLY A 173 18.33 -19.35 -17.89
CA GLY A 173 19.64 -19.48 -17.29
C GLY A 173 20.74 -18.99 -18.21
N LYS A 174 20.80 -19.52 -19.43
CA LYS A 174 21.82 -19.06 -20.37
C LYS A 174 21.66 -17.58 -20.69
N GLN A 175 20.47 -17.01 -20.46
CA GLN A 175 20.22 -15.61 -20.78
C GLN A 175 20.27 -14.70 -19.56
N LEU A 176 20.44 -15.25 -18.35
CA LEU A 176 20.45 -14.45 -17.14
C LEU A 176 21.63 -14.68 -16.21
N ARG A 177 22.37 -15.78 -16.37
CA ARG A 177 23.43 -16.07 -15.41
C ARG A 177 24.45 -14.93 -15.31
N PRO A 178 25.07 -14.47 -16.40
CA PRO A 178 26.01 -13.35 -16.23
C PRO A 178 25.33 -12.07 -15.75
N LEU A 179 24.08 -11.86 -16.13
CA LEU A 179 23.35 -10.67 -15.70
C LEU A 179 23.30 -10.58 -14.18
N TYR A 180 22.71 -11.60 -13.54
CA TYR A 180 22.66 -11.63 -12.07
C TYR A 180 24.07 -11.72 -11.49
N GLU A 181 24.98 -12.40 -12.18
CA GLU A 181 26.36 -12.53 -11.72
C GLU A 181 27.00 -11.17 -11.47
N GLU A 182 26.84 -10.26 -12.42
CA GLU A 182 27.38 -8.92 -12.20
C GLU A 182 26.45 -8.06 -11.35
N TYR A 183 25.15 -8.29 -11.43
CA TYR A 183 24.20 -7.50 -10.67
C TYR A 183 24.43 -7.66 -9.18
N VAL A 184 24.81 -8.87 -8.74
CA VAL A 184 25.08 -9.08 -7.33
C VAL A 184 26.24 -8.21 -6.87
N VAL A 185 27.31 -8.15 -7.68
CA VAL A 185 28.48 -7.36 -7.31
C VAL A 185 28.13 -5.88 -7.28
N LEU A 186 27.34 -5.43 -8.25
CA LEU A 186 26.98 -4.02 -8.30
C LEU A 186 26.14 -3.61 -7.11
N LYS A 187 25.04 -4.33 -6.85
CA LYS A 187 24.21 -4.00 -5.71
C LYS A 187 24.98 -4.15 -4.40
N ASN A 188 25.94 -5.08 -4.36
CA ASN A 188 26.74 -5.25 -3.15
C ASN A 188 27.62 -4.03 -2.93
N GLU A 189 28.27 -3.52 -3.98
CA GLU A 189 29.04 -2.30 -3.82
C GLU A 189 28.16 -1.12 -3.42
N MET A 190 26.95 -1.04 -3.99
CA MET A 190 26.04 0.03 -3.62
C MET A 190 25.72 -0.01 -2.13
N ALA A 191 25.20 -1.13 -1.66
CA ALA A 191 24.89 -1.25 -0.24
C ALA A 191 26.15 -1.07 0.61
N ARG A 192 27.31 -1.48 0.10
CA ARG A 192 28.57 -1.26 0.78
C ARG A 192 28.85 0.22 0.98
N ALA A 193 28.50 1.05 0.01
CA ALA A 193 28.75 2.49 0.10
C ALA A 193 27.76 3.22 1.02
N ASN A 194 26.72 2.55 1.48
CA ASN A 194 25.75 3.18 2.36
C ASN A 194 25.75 2.55 3.74
N ASN A 195 26.92 2.10 4.21
CA ASN A 195 27.08 1.56 5.56
C ASN A 195 26.15 0.37 5.78
N TYR A 196 26.41 -0.70 5.02
CA TYR A 196 25.66 -1.93 5.11
C TYR A 196 26.54 -3.05 4.58
N ASN A 197 26.51 -4.20 5.24
CA ASN A 197 27.42 -5.29 4.86
C ASN A 197 27.13 -5.81 3.47
N ASP A 198 25.87 -5.94 3.10
CA ASP A 198 25.50 -6.43 1.78
C ASP A 198 24.10 -5.93 1.46
N TYR A 199 23.70 -6.06 0.21
CA TYR A 199 22.34 -5.69 -0.16
C TYR A 199 21.33 -6.53 0.60
N GLY A 200 21.74 -7.72 1.07
CA GLY A 200 20.91 -8.45 2.00
C GLY A 200 20.73 -7.71 3.29
N ASP A 201 21.81 -7.12 3.81
CA ASP A 201 21.68 -6.22 4.95
C ASP A 201 20.81 -5.03 4.58
N TYR A 202 20.91 -4.57 3.34
CA TYR A 202 20.05 -3.47 2.89
C TYR A 202 18.58 -3.84 3.03
N TRP A 203 18.19 -5.00 2.50
CA TRP A 203 16.81 -5.46 2.64
C TRP A 203 16.44 -5.62 4.11
N ARG A 204 17.28 -6.31 4.87
CA ARG A 204 16.99 -6.51 6.28
C ARG A 204 16.77 -5.20 7.00
N GLY A 205 17.45 -4.14 6.59
CA GLY A 205 17.30 -2.86 7.23
C GLY A 205 15.89 -2.31 7.11
N ASP A 206 15.01 -3.06 6.47
CA ASP A 206 13.63 -2.63 6.36
C ASP A 206 12.84 -2.95 7.61
N TYR A 207 13.26 -3.97 8.37
CA TYR A 207 12.66 -4.25 9.66
C TYR A 207 13.37 -3.55 10.80
N GLU A 208 14.43 -2.80 10.52
CA GLU A 208 15.26 -2.23 11.58
C GLU A 208 14.49 -1.10 12.24
N ALA A 209 13.66 -1.44 13.21
CA ALA A 209 12.84 -0.48 13.93
C ALA A 209 13.31 -0.43 15.37
N GLU A 210 13.38 0.77 15.92
CA GLU A 210 14.03 0.99 17.21
C GLU A 210 13.58 2.32 17.77
N GLY A 211 13.97 2.58 19.01
CA GLY A 211 13.72 3.85 19.63
C GLY A 211 12.81 3.86 20.85
N ALA A 212 12.80 2.81 21.65
CA ALA A 212 11.99 2.82 22.86
C ALA A 212 12.58 1.87 23.88
N ASP A 213 11.79 1.57 24.90
CA ASP A 213 12.20 0.64 25.95
C ASP A 213 12.00 -0.80 25.47
N GLY A 214 13.06 -1.41 24.94
CA GLY A 214 12.98 -2.81 24.55
C GLY A 214 12.45 -3.04 23.16
N TYR A 215 11.65 -2.11 22.65
CA TYR A 215 11.12 -2.24 21.29
C TYR A 215 12.22 -2.23 20.24
N ASN A 216 13.46 -1.97 20.63
CA ASN A 216 14.58 -2.05 19.71
C ASN A 216 14.64 -3.43 19.07
N TYR A 217 14.43 -3.49 17.76
CA TYR A 217 14.60 -4.71 17.01
C TYR A 217 15.81 -4.56 16.10
N ASN A 218 16.84 -5.36 16.35
CA ASN A 218 18.08 -5.23 15.63
C ASN A 218 17.88 -5.58 14.15
N ARG A 219 18.92 -5.34 13.36
CA ARG A 219 18.92 -5.63 11.94
C ARG A 219 19.44 -7.03 11.65
N GLY A 220 19.85 -7.77 12.67
CA GLY A 220 20.37 -9.11 12.47
C GLY A 220 19.50 -10.14 13.16
N GLN A 221 18.68 -9.69 14.11
CA GLN A 221 17.75 -10.56 14.81
C GLN A 221 16.71 -11.19 13.89
N LEU A 222 16.55 -10.65 12.68
CA LEU A 222 15.56 -11.15 11.74
C LEU A 222 15.79 -12.62 11.42
N ILE A 223 17.05 -12.99 11.16
CA ILE A 223 17.34 -14.39 10.81
C ILE A 223 17.03 -15.29 12.00
N GLU A 224 17.31 -14.82 13.22
CA GLU A 224 17.01 -15.61 14.40
C GLU A 224 15.50 -15.83 14.54
N ASP A 225 14.70 -14.78 14.34
CA ASP A 225 13.25 -14.98 14.38
C ASP A 225 12.76 -15.85 13.24
N VAL A 226 13.38 -15.78 12.06
CA VAL A 226 12.96 -16.62 10.95
C VAL A 226 13.19 -18.09 11.28
N GLU A 227 14.39 -18.43 11.74
CA GLU A 227 14.65 -19.82 12.10
C GLU A 227 13.76 -20.27 13.24
N HIS A 228 13.57 -19.42 14.25
CA HIS A 228 12.70 -19.75 15.38
CA HIS A 228 12.72 -19.80 15.37
C HIS A 228 11.26 -19.98 14.96
N THR A 229 10.79 -19.29 13.93
CA THR A 229 9.40 -19.36 13.52
C THR A 229 9.17 -20.38 12.42
N PHE A 230 10.22 -20.90 11.80
CA PHE A 230 10.04 -21.86 10.72
C PHE A 230 10.15 -23.30 11.16
N ALA A 231 10.93 -23.61 12.18
CA ALA A 231 10.96 -24.99 12.66
C ALA A 231 9.70 -25.32 13.45
N GLU A 232 8.99 -24.31 13.94
CA GLU A 232 7.72 -24.58 14.63
C GLU A 232 6.62 -24.95 13.65
N ILE A 233 6.72 -24.49 12.40
CA ILE A 233 5.72 -24.82 11.39
C ILE A 233 6.11 -26.05 10.59
N LYS A 234 7.34 -26.50 10.70
CA LYS A 234 7.82 -27.63 9.91
C LYS A 234 6.99 -28.90 10.04
N PRO A 235 6.49 -29.30 11.22
CA PRO A 235 5.69 -30.54 11.27
C PRO A 235 4.50 -30.53 10.32
N LEU A 236 3.72 -29.44 10.32
CA LEU A 236 2.54 -29.39 9.46
C LEU A 236 2.94 -29.54 8.00
N TYR A 237 4.02 -28.90 7.59
CA TYR A 237 4.40 -28.95 6.19
C TYR A 237 4.96 -30.32 5.82
N GLU A 238 5.70 -30.98 6.72
CA GLU A 238 6.14 -32.33 6.41
C GLU A 238 4.94 -33.27 6.29
N HIS A 239 3.98 -33.14 7.20
CA HIS A 239 2.74 -33.91 7.10
C HIS A 239 2.10 -33.73 5.74
N LEU A 240 1.84 -32.48 5.37
CA LEU A 240 1.13 -32.21 4.12
C LEU A 240 1.96 -32.60 2.92
N HIS A 241 3.28 -32.54 3.02
CA HIS A 241 4.12 -32.94 1.90
C HIS A 241 4.01 -34.44 1.66
N ALA A 242 4.12 -35.24 2.73
CA ALA A 242 3.97 -36.68 2.56
C ALA A 242 2.56 -37.04 2.07
N TYR A 243 1.55 -36.34 2.59
CA TYR A 243 0.18 -36.60 2.19
C TYR A 243 -0.01 -36.35 0.70
N VAL A 244 0.34 -35.15 0.25
CA VAL A 244 0.27 -34.84 -1.17
C VAL A 244 1.08 -35.84 -1.97
N ARG A 245 2.22 -36.29 -1.44
CA ARG A 245 3.05 -37.23 -2.16
C ARG A 245 2.35 -38.56 -2.36
N ARG A 246 1.55 -38.98 -1.38
CA ARG A 246 0.78 -40.22 -1.54
C ARG A 246 -0.06 -40.18 -2.82
N LYS A 247 -0.94 -39.18 -2.94
CA LYS A 247 -1.82 -39.11 -4.10
C LYS A 247 -1.04 -38.83 -5.39
N LEU A 248 -0.01 -38.00 -5.32
CA LEU A 248 0.76 -37.72 -6.53
C LEU A 248 1.56 -38.93 -6.98
N MET A 249 1.84 -39.86 -6.07
CA MET A 249 2.41 -41.15 -6.46
C MET A 249 1.34 -42.05 -7.05
N ASP A 250 0.13 -41.95 -6.51
CA ASP A 250 -0.98 -42.71 -7.08
C ASP A 250 -1.25 -42.29 -8.52
N THR A 251 -0.99 -41.02 -8.86
CA THR A 251 -1.16 -40.58 -10.24
C THR A 251 -0.14 -41.24 -11.15
N TYR A 252 1.15 -41.00 -10.92
CA TYR A 252 2.23 -41.59 -11.70
C TYR A 252 3.03 -42.52 -10.80
N PRO A 253 2.61 -43.76 -10.67
CA PRO A 253 3.38 -44.71 -9.85
C PRO A 253 4.58 -45.23 -10.61
N SER A 254 5.30 -44.33 -11.27
CA SER A 254 6.48 -44.67 -12.03
C SER A 254 7.61 -43.66 -11.87
N TYR A 255 7.34 -42.47 -11.35
CA TYR A 255 8.35 -41.43 -11.25
C TYR A 255 8.43 -40.90 -9.82
N ILE A 256 7.30 -40.90 -9.13
CA ILE A 256 7.28 -40.45 -7.75
C ILE A 256 8.01 -41.45 -6.87
N SER A 257 8.72 -40.94 -5.88
CA SER A 257 9.45 -41.84 -5.00
C SER A 257 8.63 -42.14 -3.75
N PRO A 258 8.63 -43.40 -3.30
CA PRO A 258 7.91 -43.71 -2.06
C PRO A 258 8.54 -43.09 -0.83
N THR A 259 9.83 -42.75 -0.90
CA THR A 259 10.53 -42.15 0.22
C THR A 259 11.15 -40.80 -0.08
N GLY A 260 11.74 -40.61 -1.26
CA GLY A 260 12.36 -39.36 -1.59
C GLY A 260 11.36 -38.24 -1.80
N CYS A 261 11.90 -37.06 -2.10
CA CYS A 261 11.07 -35.90 -2.41
C CYS A 261 10.51 -36.02 -3.82
N LEU A 262 9.38 -35.37 -4.04
CA LEU A 262 8.73 -35.48 -5.33
C LEU A 262 9.45 -34.64 -6.39
N PRO A 263 9.41 -35.07 -7.65
CA PRO A 263 10.12 -34.33 -8.70
C PRO A 263 9.63 -32.90 -8.82
N ALA A 264 10.53 -32.02 -9.27
CA ALA A 264 10.25 -30.59 -9.26
C ALA A 264 9.16 -30.22 -10.25
N HIS A 265 9.38 -30.52 -11.53
CA HIS A 265 8.47 -30.05 -12.57
C HIS A 265 7.04 -30.50 -12.30
N LEU A 266 6.85 -31.71 -11.81
CA LEU A 266 5.51 -32.17 -11.44
C LEU A 266 5.13 -31.53 -10.12
N LEU A 267 4.78 -30.25 -10.20
CA LEU A 267 4.35 -29.48 -9.03
C LEU A 267 3.20 -28.59 -9.46
N GLY A 268 2.75 -27.73 -8.55
CA GLY A 268 1.59 -26.92 -8.83
C GLY A 268 1.80 -25.89 -9.92
N ASP A 269 2.57 -24.87 -9.62
CA ASP A 269 2.76 -23.75 -10.53
C ASP A 269 4.11 -23.85 -11.21
N MET A 270 4.49 -22.77 -11.91
CA MET A 270 5.76 -22.73 -12.64
C MET A 270 6.93 -23.18 -11.78
N TRP A 271 7.03 -22.65 -10.57
CA TRP A 271 8.23 -22.81 -9.76
C TRP A 271 8.02 -23.68 -8.53
N GLY A 272 6.78 -23.83 -8.08
CA GLY A 272 6.50 -24.43 -6.82
C GLY A 272 6.20 -23.44 -5.71
N ARG A 273 6.23 -22.14 -6.01
CA ARG A 273 6.02 -21.16 -4.96
C ARG A 273 4.60 -21.22 -4.43
N PHE A 274 3.63 -21.41 -5.32
CA PHE A 274 2.26 -21.66 -4.90
C PHE A 274 1.93 -23.10 -5.19
N TRP A 275 0.95 -23.64 -4.47
CA TRP A 275 0.61 -25.04 -4.58
C TRP A 275 -0.89 -25.24 -4.73
N THR A 276 -1.62 -24.19 -5.10
CA THR A 276 -3.05 -24.31 -5.33
C THR A 276 -3.37 -24.90 -6.69
N ASN A 277 -2.41 -24.89 -7.62
CA ASN A 277 -2.62 -25.51 -8.91
C ASN A 277 -2.70 -27.02 -8.81
N LEU A 278 -2.00 -27.62 -7.85
CA LEU A 278 -2.16 -29.05 -7.58
C LEU A 278 -3.33 -29.27 -6.64
N TYR A 279 -4.48 -28.70 -6.94
CA TYR A 279 -5.64 -28.93 -6.09
C TYR A 279 -6.38 -30.22 -6.45
N PRO A 280 -6.70 -30.50 -7.73
CA PRO A 280 -7.52 -31.69 -8.01
C PRO A 280 -6.77 -33.00 -7.84
N LEU A 281 -5.54 -33.07 -8.36
CA LEU A 281 -4.79 -34.33 -8.30
C LEU A 281 -4.59 -34.84 -6.89
N THR A 282 -4.76 -33.98 -5.87
CA THR A 282 -4.64 -34.41 -4.49
C THR A 282 -5.72 -33.79 -3.62
N VAL A 283 -6.87 -33.48 -4.19
CA VAL A 283 -8.02 -32.98 -3.44
C VAL A 283 -8.37 -34.05 -2.41
N PRO A 284 -9.03 -33.70 -1.30
CA PRO A 284 -9.64 -34.74 -0.47
C PRO A 284 -10.75 -35.44 -1.23
N PHE A 285 -11.52 -36.27 -0.53
CA PHE A 285 -12.64 -37.00 -1.10
C PHE A 285 -13.37 -36.17 -2.15
N ALA A 286 -13.40 -36.67 -3.37
CA ALA A 286 -13.85 -35.89 -4.53
C ALA A 286 -15.34 -36.10 -4.79
N GLN A 287 -16.14 -35.90 -3.75
CA GLN A 287 -17.58 -36.04 -3.89
C GLN A 287 -18.30 -34.88 -3.21
N LYS A 288 -17.67 -34.29 -2.21
CA LYS A 288 -18.29 -33.20 -1.50
C LYS A 288 -18.34 -31.96 -2.40
N PRO A 289 -19.35 -31.12 -2.26
CA PRO A 289 -19.39 -29.88 -3.05
C PRO A 289 -18.48 -28.81 -2.48
N ASN A 290 -17.37 -28.52 -3.15
CA ASN A 290 -16.55 -27.40 -2.74
C ASN A 290 -17.33 -26.12 -2.92
N ILE A 291 -17.24 -25.22 -1.93
CA ILE A 291 -18.06 -24.03 -1.94
C ILE A 291 -17.59 -23.09 -3.05
N ASP A 292 -18.56 -22.52 -3.77
CA ASP A 292 -18.33 -21.48 -4.75
C ASP A 292 -19.69 -20.97 -5.17
N VAL A 293 -19.76 -19.68 -5.50
CA VAL A 293 -21.04 -19.03 -5.76
C VAL A 293 -21.00 -18.31 -7.11
N THR A 294 -20.13 -18.76 -8.00
CA THR A 294 -20.06 -18.18 -9.34
C THR A 294 -21.45 -18.13 -9.97
N ASP A 295 -22.06 -19.30 -10.17
CA ASP A 295 -23.38 -19.38 -10.78
C ASP A 295 -24.43 -18.69 -9.92
N ALA A 296 -24.16 -18.56 -8.62
CA ALA A 296 -25.15 -18.00 -7.71
C ALA A 296 -25.47 -16.55 -8.06
N MET A 297 -24.46 -15.68 -8.00
CA MET A 297 -24.70 -14.30 -8.40
C MET A 297 -24.71 -14.16 -9.91
N MET A 298 -24.18 -15.14 -10.64
CA MET A 298 -24.29 -15.09 -12.09
C MET A 298 -25.74 -15.21 -12.53
N ASN A 299 -26.54 -15.99 -11.81
CA ASN A 299 -27.95 -16.10 -12.11
C ASN A 299 -28.79 -15.07 -11.37
N GLN A 300 -28.17 -14.25 -10.51
CA GLN A 300 -28.83 -13.09 -9.95
C GLN A 300 -28.50 -11.83 -10.72
N GLY A 301 -27.55 -11.89 -11.64
CA GLY A 301 -27.18 -10.72 -12.42
C GLY A 301 -26.50 -9.63 -11.62
N TRP A 302 -25.37 -9.95 -10.99
CA TRP A 302 -24.49 -8.95 -10.39
C TRP A 302 -23.37 -8.63 -11.35
N ASP A 303 -23.00 -7.36 -11.40
CA ASP A 303 -21.90 -6.86 -12.21
C ASP A 303 -20.83 -6.31 -11.28
N ALA A 304 -19.73 -5.82 -11.86
CA ALA A 304 -18.57 -5.44 -11.07
C ALA A 304 -18.94 -4.48 -9.95
N GLU A 305 -19.68 -3.43 -10.27
CA GLU A 305 -20.01 -2.44 -9.25
C GLU A 305 -20.76 -3.09 -8.09
N ARG A 306 -21.56 -4.11 -8.37
CA ARG A 306 -22.27 -4.77 -7.28
C ARG A 306 -21.34 -5.69 -6.49
N ILE A 307 -20.30 -6.21 -7.14
CA ILE A 307 -19.28 -6.95 -6.39
C ILE A 307 -18.59 -6.02 -5.40
N PHE A 308 -18.30 -4.78 -5.80
CA PHE A 308 -17.59 -3.88 -4.90
C PHE A 308 -18.51 -3.27 -3.86
N LYS A 309 -19.78 -3.07 -4.20
CA LYS A 309 -20.73 -2.61 -3.20
C LYS A 309 -20.70 -3.51 -1.95
N GLU A 310 -20.58 -4.81 -2.14
CA GLU A 310 -20.61 -5.71 -0.99
C GLU A 310 -19.32 -5.62 -0.19
N ALA A 311 -18.18 -5.47 -0.86
CA ALA A 311 -16.93 -5.31 -0.12
C ALA A 311 -16.93 -4.02 0.70
N GLU A 312 -17.41 -2.93 0.11
CA GLU A 312 -17.55 -1.69 0.87
C GLU A 312 -18.50 -1.88 2.04
N LYS A 313 -19.58 -2.64 1.85
CA LYS A 313 -20.51 -2.88 2.95
C LYS A 313 -19.83 -3.69 4.06
N PHE A 314 -18.96 -4.62 3.67
CA PHE A 314 -18.24 -5.41 4.67
C PHE A 314 -17.29 -4.54 5.48
N PHE A 315 -16.59 -3.62 4.82
CA PHE A 315 -15.71 -2.74 5.59
C PHE A 315 -16.47 -1.69 6.39
N VAL A 316 -17.67 -1.31 5.96
CA VAL A 316 -18.40 -0.34 6.77
C VAL A 316 -19.09 -1.01 7.94
N SER A 317 -19.37 -2.31 7.84
CA SER A 317 -19.95 -3.02 8.97
C SER A 317 -18.99 -3.09 10.14
N VAL A 318 -17.74 -3.52 9.88
CA VAL A 318 -16.74 -3.68 10.93
C VAL A 318 -16.35 -2.37 11.57
N GLY A 319 -16.79 -1.24 11.03
CA GLY A 319 -16.51 0.05 11.62
C GLY A 319 -15.39 0.82 10.98
N LEU A 320 -14.66 0.23 10.04
CA LEU A 320 -13.64 0.93 9.29
C LEU A 320 -14.29 2.04 8.47
N PRO A 321 -13.53 3.01 8.00
CA PRO A 321 -14.15 4.18 7.38
C PRO A 321 -14.86 3.83 6.09
N HIS A 322 -15.95 4.55 5.83
CA HIS A 322 -16.73 4.36 4.63
C HIS A 322 -16.00 4.89 3.42
N MET A 323 -15.89 4.05 2.37
CA MET A 323 -15.13 4.41 1.18
C MET A 323 -15.63 5.72 0.60
N THR A 324 -14.75 6.43 -0.11
CA THR A 324 -14.97 7.81 -0.48
C THR A 324 -15.58 7.94 -1.87
N GLN A 325 -16.24 9.07 -2.11
CA GLN A 325 -16.99 9.27 -3.34
C GLN A 325 -16.10 9.48 -4.56
N GLY A 326 -14.93 10.07 -4.39
CA GLY A 326 -14.00 10.17 -5.51
C GLY A 326 -13.55 8.82 -5.99
N PHE A 327 -13.58 7.82 -5.11
CA PHE A 327 -13.15 6.48 -5.49
C PHE A 327 -14.07 5.89 -6.55
N TRP A 328 -15.38 6.08 -6.39
CA TRP A 328 -16.34 5.43 -7.28
C TRP A 328 -16.37 6.01 -8.69
N ALA A 329 -16.01 7.28 -8.86
CA ALA A 329 -16.06 7.90 -10.17
C ALA A 329 -14.72 7.86 -10.88
N ASN A 330 -13.61 7.80 -10.15
CA ASN A 330 -12.30 7.79 -10.77
C ASN A 330 -11.71 6.41 -10.92
N SER A 331 -12.18 5.41 -10.17
CA SER A 331 -11.56 4.11 -10.25
C SER A 331 -11.83 3.46 -11.59
N MET A 332 -11.23 2.29 -11.78
CA MET A 332 -11.51 1.46 -12.94
C MET A 332 -12.02 0.12 -12.41
N LEU A 333 -13.32 0.06 -12.13
CA LEU A 333 -13.90 -1.16 -11.59
C LEU A 333 -13.90 -2.28 -12.61
N THR A 334 -14.28 -1.97 -13.84
CA THR A 334 -14.46 -2.98 -14.87
C THR A 334 -13.79 -2.52 -16.15
N ASP A 335 -13.38 -3.50 -16.95
CA ASP A 335 -12.87 -3.21 -18.28
C ASP A 335 -13.88 -2.36 -19.04
N GLU A 336 -13.47 -1.18 -19.46
CA GLU A 336 -14.37 -0.27 -20.14
C GLU A 336 -14.83 -0.87 -21.46
N ALA A 337 -15.76 -0.16 -22.12
CA ALA A 337 -16.51 -0.71 -23.25
C ALA A 337 -15.61 -1.44 -24.23
N ASP A 338 -14.74 -0.69 -24.90
CA ASP A 338 -13.48 -1.12 -25.53
C ASP A 338 -12.80 0.07 -26.17
N GLY A 339 -11.63 -0.17 -26.76
CA GLY A 339 -10.93 0.86 -27.49
C GLY A 339 -9.60 1.16 -26.85
N ARG A 340 -9.44 0.73 -25.61
CA ARG A 340 -8.28 1.06 -24.80
C ARG A 340 -7.55 -0.20 -24.38
N LYS A 341 -6.22 -0.13 -24.36
CA LYS A 341 -5.37 -1.25 -23.97
C LYS A 341 -4.91 -1.04 -22.54
N VAL A 342 -5.45 -1.85 -21.63
CA VAL A 342 -5.24 -1.72 -20.20
C VAL A 342 -4.19 -2.73 -19.77
N VAL A 343 -3.69 -2.57 -18.54
CA VAL A 343 -2.70 -3.49 -18.00
C VAL A 343 -3.36 -4.77 -17.50
N CYS A 344 -4.60 -4.64 -17.01
CA CYS A 344 -5.38 -5.80 -16.55
C CYS A 344 -4.68 -6.56 -15.43
N HIS A 345 -4.46 -5.91 -14.29
CA HIS A 345 -3.89 -6.52 -13.09
C HIS A 345 -4.37 -5.70 -11.90
N PRO A 346 -5.13 -6.28 -10.97
CA PRO A 346 -5.75 -5.47 -9.92
C PRO A 346 -4.71 -4.83 -9.02
N THR A 347 -4.75 -3.51 -8.91
CA THR A 347 -3.88 -2.79 -7.99
C THR A 347 -4.62 -1.64 -7.34
N ALA A 348 -4.19 -1.29 -6.14
CA ALA A 348 -4.77 -0.22 -5.35
C ALA A 348 -3.86 0.99 -5.43
N TRP A 349 -4.25 1.98 -6.22
CA TRP A 349 -3.51 3.22 -6.34
C TRP A 349 -3.99 4.17 -5.25
N ASP A 350 -3.07 4.67 -4.44
CA ASP A 350 -3.31 5.87 -3.65
C ASP A 350 -2.30 6.91 -4.12
N LEU A 351 -2.82 7.92 -4.82
CA LEU A 351 -1.92 8.91 -5.43
C LEU A 351 -1.46 9.93 -4.40
N GLY A 352 -2.28 10.19 -3.41
CA GLY A 352 -2.03 11.24 -2.46
C GLY A 352 -3.20 12.20 -2.42
N HIS A 353 -3.07 13.20 -1.56
CA HIS A 353 -3.99 14.33 -1.54
C HIS A 353 -5.44 13.89 -1.41
N GLY A 354 -5.66 12.64 -1.05
CA GLY A 354 -7.01 12.14 -0.99
C GLY A 354 -7.51 11.52 -2.27
N ASP A 355 -6.60 11.01 -3.11
CA ASP A 355 -6.97 10.35 -4.35
C ASP A 355 -6.80 8.85 -4.18
N PHE A 356 -7.93 8.16 -4.00
CA PHE A 356 -7.95 6.72 -3.80
C PHE A 356 -8.63 6.07 -4.98
N ARG A 357 -7.94 5.18 -5.67
CA ARG A 357 -8.48 4.56 -6.85
C ARG A 357 -8.10 3.10 -6.89
N ILE A 358 -8.97 2.28 -7.49
CA ILE A 358 -8.72 0.87 -7.74
C ILE A 358 -8.82 0.68 -9.24
N LYS A 359 -7.57 -0.15 -9.64
CA LYS A 359 -7.40 -0.55 -11.07
C LYS A 359 -7.53 -2.08 -11.22
N MET A 360 -8.79 -2.56 -11.94
CA MET A 360 -8.85 -4.01 -12.08
C MET A 360 -9.94 -4.36 -13.06
N CYS A 361 -9.74 -5.46 -13.79
CA CYS A 361 -10.77 -5.97 -14.68
C CYS A 361 -11.58 -7.04 -13.95
N THR A 362 -12.89 -6.81 -13.84
CA THR A 362 -13.72 -7.58 -12.91
C THR A 362 -14.72 -8.43 -13.69
N LYS A 363 -14.36 -9.70 -13.87
CA LYS A 363 -15.32 -10.71 -14.32
C LYS A 363 -16.01 -11.26 -13.08
N VAL A 364 -17.35 -11.29 -13.10
CA VAL A 364 -18.09 -11.73 -11.93
C VAL A 364 -17.68 -13.16 -11.59
N THR A 365 -17.13 -13.35 -10.39
CA THR A 365 -16.50 -14.60 -10.00
C THR A 365 -16.30 -14.60 -8.50
N MET A 366 -16.22 -15.79 -7.91
CA MET A 366 -15.86 -15.91 -6.50
C MET A 366 -14.49 -15.31 -6.22
N ASP A 367 -13.49 -15.62 -7.05
CA ASP A 367 -12.15 -15.13 -6.79
C ASP A 367 -12.06 -13.62 -6.98
N ASN A 368 -12.74 -13.09 -8.00
CA ASN A 368 -12.90 -11.66 -8.17
C ASN A 368 -13.94 -11.08 -7.22
N PHE A 369 -14.39 -11.88 -6.26
CA PHE A 369 -15.18 -11.38 -5.15
C PHE A 369 -14.35 -11.30 -3.88
N LEU A 370 -13.29 -12.08 -3.78
CA LEU A 370 -12.36 -11.98 -2.66
C LEU A 370 -11.22 -11.01 -2.93
N THR A 371 -10.71 -10.97 -4.16
CA THR A 371 -9.70 -9.96 -4.48
C THR A 371 -10.27 -8.57 -4.38
N ALA A 372 -11.59 -8.43 -4.54
CA ALA A 372 -12.25 -7.18 -4.19
C ALA A 372 -11.95 -6.79 -2.76
N HIS A 373 -12.22 -7.70 -1.83
CA HIS A 373 -11.96 -7.42 -0.41
C HIS A 373 -10.49 -7.16 -0.17
N HIS A 374 -9.61 -7.88 -0.87
CA HIS A 374 -8.18 -7.69 -0.68
C HIS A 374 -7.75 -6.29 -1.09
N GLU A 375 -8.10 -5.88 -2.30
CA GLU A 375 -7.68 -4.57 -2.77
C GLU A 375 -8.32 -3.47 -1.94
N MET A 376 -9.60 -3.59 -1.61
CA MET A 376 -10.19 -2.56 -0.79
C MET A 376 -9.58 -2.55 0.60
N GLY A 377 -8.99 -3.65 1.03
CA GLY A 377 -8.23 -3.62 2.26
C GLY A 377 -6.95 -2.82 2.12
N HIS A 378 -6.20 -3.08 1.04
CA HIS A 378 -5.05 -2.24 0.72
C HIS A 378 -5.41 -0.77 0.83
N ILE A 379 -6.50 -0.39 0.17
CA ILE A 379 -6.95 1.00 0.22
C ILE A 379 -7.25 1.40 1.65
N GLN A 380 -8.21 0.72 2.29
CA GLN A 380 -8.63 1.09 3.64
C GLN A 380 -7.46 1.21 4.60
N TYR A 381 -6.33 0.59 4.28
CA TYR A 381 -5.11 0.88 5.01
C TYR A 381 -4.55 2.23 4.58
N ASP A 382 -4.26 2.40 3.28
CA ASP A 382 -3.66 3.65 2.81
C ASP A 382 -4.51 4.87 3.15
N MET A 383 -5.78 4.68 3.40
CA MET A 383 -6.68 5.77 3.70
C MET A 383 -6.64 6.14 5.17
N ALA A 384 -6.20 5.22 6.02
CA ALA A 384 -6.19 5.50 7.45
C ALA A 384 -5.04 6.38 7.86
N TYR A 385 -3.85 6.16 7.30
CA TYR A 385 -2.67 6.94 7.64
C TYR A 385 -2.44 8.08 6.67
N ALA A 386 -3.52 8.63 6.11
CA ALA A 386 -3.40 9.89 5.40
C ALA A 386 -3.42 11.01 6.44
N ARG A 387 -2.58 10.88 7.46
CA ARG A 387 -2.49 11.89 8.50
C ARG A 387 -1.07 12.24 8.88
N GLN A 388 -0.10 11.38 8.65
CA GLN A 388 1.27 11.62 9.04
C GLN A 388 1.98 12.50 8.02
N PRO A 389 3.10 13.07 8.37
CA PRO A 389 3.80 14.01 7.50
C PRO A 389 4.57 13.39 6.32
N PHE A 390 3.91 12.50 5.60
CA PHE A 390 4.32 12.08 4.27
C PHE A 390 5.65 11.33 4.21
N LEU A 391 6.40 11.30 5.30
CA LEU A 391 7.49 10.34 5.35
C LEU A 391 7.13 9.16 6.21
N LEU A 392 6.11 9.34 7.04
CA LEU A 392 5.44 8.24 7.72
C LEU A 392 4.13 7.91 7.00
N ARG A 393 4.26 7.49 5.75
CA ARG A 393 3.13 7.05 4.95
C ARG A 393 3.45 5.75 4.24
N ASN A 394 4.03 4.80 4.97
CA ASN A 394 4.09 3.42 4.55
C ASN A 394 3.62 2.55 5.70
N GLY A 395 3.17 1.34 5.38
CA GLY A 395 2.76 0.43 6.43
C GLY A 395 3.87 0.23 7.45
N ALA A 396 3.47 -0.16 8.66
CA ALA A 396 4.38 -0.22 9.80
C ALA A 396 5.73 -0.82 9.43
N ASN A 397 5.73 -1.75 8.48
CA ASN A 397 6.96 -2.16 7.83
C ASN A 397 6.61 -2.58 6.42
N GLU A 398 7.50 -3.31 5.75
CA GLU A 398 7.11 -3.84 4.44
C GLU A 398 6.22 -5.06 4.54
N GLY A 399 5.73 -5.41 5.72
CA GLY A 399 4.99 -6.65 5.84
C GLY A 399 3.54 -6.49 6.25
N PHE A 400 3.23 -5.48 7.05
CA PHE A 400 1.86 -5.33 7.53
C PHE A 400 0.88 -5.08 6.40
N HIS A 401 1.35 -4.50 5.29
CA HIS A 401 0.41 -4.03 4.28
C HIS A 401 -0.31 -5.19 3.61
N GLU A 402 0.45 -6.10 2.99
CA GLU A 402 -0.17 -7.21 2.30
C GLU A 402 -0.79 -8.22 3.26
N ALA A 403 -0.85 -7.90 4.55
CA ALA A 403 -1.57 -8.73 5.51
C ALA A 403 -2.86 -8.07 6.01
N VAL A 404 -2.87 -6.74 6.08
CA VAL A 404 -4.11 -6.05 6.43
C VAL A 404 -5.16 -6.27 5.36
N GLY A 405 -4.74 -6.35 4.10
CA GLY A 405 -5.68 -6.63 3.05
C GLY A 405 -5.81 -8.11 2.78
N GLU A 406 -5.44 -8.91 3.76
CA GLU A 406 -5.50 -10.36 3.66
C GLU A 406 -6.33 -11.00 4.75
N ILE A 407 -6.28 -10.47 5.97
CA ILE A 407 -7.21 -10.96 6.97
C ILE A 407 -8.63 -10.63 6.56
N MET A 408 -8.82 -9.55 5.80
CA MET A 408 -10.14 -9.24 5.28
C MET A 408 -10.57 -10.23 4.21
N SER A 409 -9.62 -10.79 3.47
CA SER A 409 -9.96 -11.84 2.52
C SER A 409 -10.33 -13.12 3.22
N LEU A 410 -9.46 -13.58 4.13
CA LEU A 410 -9.75 -14.84 4.82
C LEU A 410 -10.99 -14.75 5.69
N SER A 411 -11.34 -13.57 6.17
CA SER A 411 -12.60 -13.43 6.90
C SER A 411 -13.79 -13.25 5.98
N ALA A 412 -13.61 -13.37 4.67
CA ALA A 412 -14.69 -13.26 3.71
C ALA A 412 -14.97 -14.56 2.99
N ALA A 413 -14.14 -15.59 3.21
CA ALA A 413 -14.34 -16.90 2.61
C ALA A 413 -15.01 -17.87 3.57
N THR A 414 -15.52 -17.40 4.68
CA THR A 414 -16.27 -18.27 5.57
C THR A 414 -17.66 -18.53 5.01
N PRO A 415 -18.19 -19.74 5.19
CA PRO A 415 -19.59 -19.97 4.85
C PRO A 415 -20.54 -19.01 5.54
N LYS A 416 -20.19 -18.55 6.74
CA LYS A 416 -21.11 -17.70 7.48
C LYS A 416 -21.30 -16.36 6.79
N HIS A 417 -20.23 -15.76 6.27
CA HIS A 417 -20.37 -14.50 5.56
C HIS A 417 -21.23 -14.66 4.32
N LEU A 418 -20.86 -15.60 3.46
CA LEU A 418 -21.64 -15.84 2.25
C LEU A 418 -23.10 -16.09 2.57
N LYS A 419 -23.37 -16.76 3.70
CA LYS A 419 -24.75 -17.00 4.09
C LYS A 419 -25.45 -15.71 4.50
N SER A 420 -24.76 -14.86 5.27
CA SER A 420 -25.39 -13.63 5.76
C SER A 420 -25.96 -12.81 4.62
N ILE A 421 -25.16 -12.55 3.58
CA ILE A 421 -25.65 -11.84 2.41
C ILE A 421 -26.57 -12.69 1.55
N GLY A 422 -26.72 -13.97 1.88
CA GLY A 422 -27.60 -14.85 1.13
C GLY A 422 -27.12 -15.16 -0.26
N LEU A 423 -25.82 -15.20 -0.47
CA LEU A 423 -25.25 -15.46 -1.78
C LEU A 423 -25.20 -16.95 -2.10
N LEU A 424 -25.55 -17.81 -1.15
CA LEU A 424 -25.69 -19.24 -1.38
C LEU A 424 -26.93 -19.68 -0.62
N PRO A 425 -27.41 -20.90 -0.85
CA PRO A 425 -28.63 -21.35 -0.16
C PRO A 425 -28.50 -21.24 1.36
N SER A 426 -29.48 -20.60 1.97
CA SER A 426 -29.42 -20.33 3.40
C SER A 426 -29.85 -21.55 4.21
N ASP A 427 -29.26 -22.70 3.88
CA ASP A 427 -29.49 -23.94 4.60
C ASP A 427 -28.23 -24.75 4.79
N PHE A 428 -27.07 -24.23 4.41
CA PHE A 428 -25.84 -25.02 4.42
C PHE A 428 -25.55 -25.52 5.83
N GLN A 429 -24.96 -26.71 5.92
CA GLN A 429 -24.85 -27.39 7.19
C GLN A 429 -23.49 -27.18 7.87
N GLU A 430 -22.44 -26.90 7.11
CA GLU A 430 -21.09 -26.73 7.64
C GLU A 430 -20.64 -27.97 8.40
N ASP A 431 -20.52 -29.07 7.66
CA ASP A 431 -20.14 -30.35 8.23
C ASP A 431 -18.63 -30.43 8.41
N SER A 432 -18.17 -31.59 8.90
CA SER A 432 -16.75 -31.81 9.07
C SER A 432 -16.02 -31.84 7.73
N GLU A 433 -16.56 -32.60 6.77
CA GLU A 433 -15.88 -32.75 5.49
C GLU A 433 -15.71 -31.41 4.78
N THR A 434 -16.72 -30.55 4.89
CA THR A 434 -16.58 -29.20 4.35
C THR A 434 -15.37 -28.50 4.94
N GLU A 435 -15.26 -28.50 6.27
CA GLU A 435 -14.13 -27.87 6.93
C GLU A 435 -12.82 -28.45 6.44
N ILE A 436 -12.72 -29.76 6.33
CA ILE A 436 -11.43 -30.37 5.99
C ILE A 436 -11.05 -30.01 4.56
N ASN A 437 -12.00 -30.10 3.63
CA ASN A 437 -11.66 -29.75 2.25
C ASN A 437 -11.25 -28.30 2.15
N PHE A 438 -11.96 -27.41 2.85
CA PHE A 438 -11.66 -25.98 2.78
C PHE A 438 -10.30 -25.67 3.38
N LEU A 439 -9.97 -26.29 4.51
CA LEU A 439 -8.69 -26.03 5.15
C LEU A 439 -7.56 -26.60 4.32
N LEU A 440 -7.77 -27.72 3.63
CA LEU A 440 -6.71 -28.19 2.73
C LEU A 440 -6.56 -27.26 1.55
N LYS A 441 -7.67 -26.73 1.03
CA LYS A 441 -7.58 -25.75 -0.05
C LYS A 441 -6.71 -24.58 0.37
N GLN A 442 -6.96 -24.02 1.54
CA GLN A 442 -6.19 -22.85 1.96
C GLN A 442 -4.77 -23.21 2.33
N ALA A 443 -4.58 -24.40 2.92
CA ALA A 443 -3.24 -24.84 3.26
C ALA A 443 -2.34 -25.00 2.05
N LEU A 444 -2.85 -25.55 0.95
CA LEU A 444 -2.02 -25.69 -0.23
C LEU A 444 -1.56 -24.38 -0.83
N THR A 445 -1.87 -23.25 -0.21
CA THR A 445 -1.18 -22.05 -0.61
C THR A 445 -0.43 -21.46 0.58
N ILE A 446 -1.04 -21.47 1.77
CA ILE A 446 -0.44 -20.73 2.87
C ILE A 446 0.73 -21.50 3.48
N VAL A 447 0.65 -22.83 3.56
CA VAL A 447 1.79 -23.62 4.02
C VAL A 447 2.65 -24.08 2.87
N GLY A 448 2.21 -23.86 1.64
CA GLY A 448 3.02 -24.20 0.49
C GLY A 448 3.96 -23.08 0.13
N THR A 449 3.57 -21.83 0.37
CA THR A 449 4.45 -20.73 0.01
C THR A 449 5.57 -20.53 1.02
N LEU A 450 5.38 -20.97 2.26
CA LEU A 450 6.37 -20.65 3.29
C LEU A 450 7.71 -21.35 3.05
N PRO A 451 7.78 -22.66 2.82
CA PRO A 451 9.09 -23.27 2.60
C PRO A 451 9.84 -22.65 1.44
N PHE A 452 9.20 -22.46 0.29
CA PHE A 452 9.94 -21.93 -0.83
C PHE A 452 10.37 -20.49 -0.59
N THR A 453 9.47 -19.67 -0.04
CA THR A 453 9.83 -18.28 0.26
C THR A 453 11.05 -18.24 1.17
N TYR A 454 11.01 -18.99 2.27
CA TYR A 454 12.13 -18.95 3.21
C TYR A 454 13.41 -19.48 2.57
N MET A 455 13.31 -20.54 1.76
CA MET A 455 14.51 -21.07 1.14
C MET A 455 15.12 -20.08 0.17
N LEU A 456 14.29 -19.48 -0.68
CA LEU A 456 14.80 -18.51 -1.65
C LEU A 456 15.43 -17.33 -0.95
N GLU A 457 14.78 -16.82 0.09
CA GLU A 457 15.32 -15.65 0.76
C GLU A 457 16.58 -15.99 1.56
N LYS A 458 16.68 -17.19 2.11
CA LYS A 458 17.90 -17.63 2.79
C LYS A 458 19.02 -17.91 1.81
N TRP A 459 18.70 -18.22 0.56
CA TRP A 459 19.69 -18.36 -0.49
C TRP A 459 20.19 -17.02 -1.01
N ARG A 460 19.28 -16.07 -1.27
CA ARG A 460 19.73 -14.74 -1.65
C ARG A 460 20.59 -14.12 -0.58
N TRP A 461 20.20 -14.31 0.68
CA TRP A 461 20.98 -13.75 1.78
C TRP A 461 22.37 -14.37 1.85
N MET A 462 22.47 -15.66 1.55
CA MET A 462 23.78 -16.30 1.54
C MET A 462 24.56 -16.05 0.26
N VAL A 463 23.92 -15.52 -0.78
CA VAL A 463 24.64 -15.31 -2.03
C VAL A 463 25.15 -13.87 -2.09
N PHE A 464 24.46 -12.96 -1.39
CA PHE A 464 25.01 -11.61 -1.28
C PHE A 464 26.27 -11.58 -0.42
N ARG A 465 26.23 -12.23 0.74
CA ARG A 465 27.37 -12.18 1.64
C ARG A 465 28.54 -12.93 1.14
N GLY A 466 28.54 -13.46 -0.07
CA GLY A 466 29.72 -14.09 -0.64
C GLY A 466 30.24 -15.27 0.15
N GLU A 467 29.51 -15.73 1.16
CA GLU A 467 29.88 -16.92 1.91
C GLU A 467 29.68 -18.20 1.10
N ILE A 468 29.34 -18.07 -0.16
CA ILE A 468 29.29 -19.18 -1.11
C ILE A 468 30.00 -18.71 -2.37
N PRO A 469 30.75 -19.57 -3.06
CA PRO A 469 31.50 -19.11 -4.23
C PRO A 469 30.57 -18.75 -5.37
N LYS A 470 30.94 -17.71 -6.12
CA LYS A 470 30.20 -17.39 -7.35
C LYS A 470 30.18 -18.57 -8.30
N GLU A 471 31.26 -19.35 -8.32
CA GLU A 471 31.32 -20.56 -9.12
C GLU A 471 30.39 -21.64 -8.57
N GLN A 472 29.88 -21.44 -7.35
CA GLN A 472 29.01 -22.42 -6.70
C GLN A 472 27.75 -21.70 -6.25
N TRP A 473 26.77 -21.61 -7.15
CA TRP A 473 25.50 -20.96 -6.84
C TRP A 473 24.32 -21.90 -6.95
N MET A 474 24.28 -22.75 -7.98
CA MET A 474 23.13 -23.62 -8.16
C MET A 474 23.26 -24.90 -7.33
N LYS A 475 24.49 -25.34 -7.07
CA LYS A 475 24.68 -26.55 -6.28
C LYS A 475 23.99 -26.44 -4.93
N LYS A 476 24.46 -25.49 -4.11
CA LYS A 476 23.81 -25.29 -2.82
C LYS A 476 22.37 -24.81 -3.00
N TRP A 477 22.07 -24.16 -4.12
CA TRP A 477 20.69 -23.74 -4.38
C TRP A 477 19.73 -24.91 -4.31
N TRP A 478 19.95 -25.89 -5.20
CA TRP A 478 19.08 -27.06 -5.20
C TRP A 478 19.24 -27.90 -3.95
N GLU A 479 20.43 -27.88 -3.34
CA GLU A 479 20.59 -28.60 -2.08
C GLU A 479 19.66 -28.07 -1.01
N MET A 480 19.67 -26.74 -0.78
CA MET A 480 18.72 -26.15 0.14
C MET A 480 17.28 -26.42 -0.31
N LYS A 481 17.03 -26.34 -1.62
CA LYS A 481 15.68 -26.58 -2.12
C LYS A 481 15.17 -27.94 -1.66
N ARG A 482 16.01 -28.96 -1.74
CA ARG A 482 15.58 -30.31 -1.42
C ARG A 482 15.74 -30.65 0.06
N GLU A 483 16.45 -29.84 0.84
CA GLU A 483 16.55 -30.12 2.25
C GLU A 483 15.57 -29.34 3.11
N ILE A 484 15.08 -28.19 2.64
CA ILE A 484 14.16 -27.40 3.45
C ILE A 484 12.79 -27.28 2.82
N VAL A 485 12.66 -27.41 1.51
CA VAL A 485 11.36 -27.40 0.87
C VAL A 485 10.85 -28.82 0.61
N GLY A 486 11.71 -29.76 0.27
CA GLY A 486 11.27 -31.09 -0.08
C GLY A 486 10.96 -31.27 -1.53
N VAL A 487 11.78 -30.72 -2.42
CA VAL A 487 11.59 -30.82 -3.87
C VAL A 487 12.94 -31.11 -4.51
N VAL A 488 12.99 -32.14 -5.35
CA VAL A 488 14.22 -32.55 -6.03
C VAL A 488 14.15 -32.09 -7.47
N GLU A 489 15.32 -31.81 -8.04
CA GLU A 489 15.36 -31.30 -9.40
C GLU A 489 15.17 -32.46 -10.39
N PRO A 490 14.51 -32.22 -11.52
CA PRO A 490 14.28 -33.31 -12.47
C PRO A 490 15.56 -33.87 -13.06
N LEU A 491 16.55 -33.03 -13.31
CA LEU A 491 17.85 -33.44 -13.80
C LEU A 491 18.93 -32.57 -13.18
N PRO A 492 20.15 -33.10 -13.04
CA PRO A 492 21.22 -32.35 -12.36
C PRO A 492 21.87 -31.27 -13.23
N HIS A 493 21.27 -30.09 -13.28
CA HIS A 493 21.87 -28.97 -13.98
C HIS A 493 23.27 -28.66 -13.44
N ASP A 494 24.14 -28.24 -14.34
CA ASP A 494 25.46 -27.74 -13.97
C ASP A 494 25.35 -26.23 -13.75
N GLU A 495 26.45 -25.59 -13.34
CA GLU A 495 26.44 -24.19 -12.96
C GLU A 495 26.47 -23.26 -14.17
N THR A 496 26.15 -23.79 -15.36
CA THR A 496 25.92 -22.96 -16.53
C THR A 496 24.52 -22.37 -16.54
N TYR A 497 23.72 -22.65 -15.52
CA TYR A 497 22.38 -22.07 -15.38
C TYR A 497 22.29 -21.28 -14.09
N CYS A 498 21.24 -20.48 -13.98
CA CYS A 498 20.90 -19.79 -12.73
C CYS A 498 19.38 -19.89 -12.60
N ASP A 499 18.92 -20.94 -11.94
CA ASP A 499 17.48 -21.20 -11.88
C ASP A 499 16.72 -20.10 -11.16
N PRO A 500 16.92 -19.85 -9.86
CA PRO A 500 15.97 -19.03 -9.12
C PRO A 500 15.79 -17.63 -9.67
N ALA A 501 16.75 -17.15 -10.46
CA ALA A 501 16.53 -15.90 -11.19
C ALA A 501 15.27 -15.97 -12.05
N SER A 502 14.87 -17.16 -12.47
CA SER A 502 13.70 -17.30 -13.31
C SER A 502 12.46 -16.71 -12.65
N LEU A 503 12.34 -16.86 -11.33
CA LEU A 503 11.20 -16.30 -10.62
C LEU A 503 11.11 -14.80 -10.88
N PHE A 504 9.89 -14.33 -11.08
CA PHE A 504 9.67 -12.91 -11.36
C PHE A 504 10.24 -12.04 -10.26
N HIS A 505 9.97 -12.39 -9.00
CA HIS A 505 10.36 -11.51 -7.89
C HIS A 505 11.86 -11.48 -7.66
N VAL A 506 12.63 -12.34 -8.31
CA VAL A 506 14.08 -12.31 -8.11
C VAL A 506 14.73 -11.24 -8.97
N SER A 507 14.63 -11.38 -10.29
CA SER A 507 15.24 -10.40 -11.17
C SER A 507 14.30 -9.25 -11.47
N ASN A 508 13.67 -8.74 -10.41
CA ASN A 508 12.93 -7.49 -10.47
C ASN A 508 13.08 -6.71 -9.18
N ASP A 509 14.02 -7.09 -8.32
CA ASP A 509 14.40 -6.32 -7.14
C ASP A 509 13.19 -5.98 -6.27
N TYR A 510 12.58 -7.02 -5.74
CA TYR A 510 11.58 -6.88 -4.70
C TYR A 510 12.00 -7.68 -3.47
N SER A 511 11.86 -7.06 -2.30
CA SER A 511 12.07 -7.76 -1.05
C SER A 511 11.05 -8.88 -0.97
N PHE A 512 11.51 -10.12 -1.06
CA PHE A 512 10.58 -11.23 -1.17
C PHE A 512 10.23 -11.85 0.17
N ILE A 513 11.01 -11.60 1.22
CA ILE A 513 10.63 -12.07 2.54
C ILE A 513 9.32 -11.45 3.01
N ARG A 514 8.85 -10.40 2.32
CA ARG A 514 7.58 -9.79 2.69
C ARG A 514 6.45 -10.81 2.65
N TYR A 515 6.44 -11.65 1.62
CA TYR A 515 5.41 -12.67 1.50
C TYR A 515 5.60 -13.81 2.48
N TYR A 516 6.71 -13.84 3.20
CA TYR A 516 6.81 -14.74 4.33
C TYR A 516 6.13 -14.16 5.55
N THR A 517 6.66 -13.03 6.05
CA THR A 517 6.25 -12.52 7.33
C THR A 517 4.75 -12.35 7.41
N ARG A 518 4.16 -11.59 6.49
CA ARG A 518 2.73 -11.33 6.54
C ARG A 518 1.93 -12.59 6.80
N THR A 519 2.37 -13.71 6.22
CA THR A 519 1.68 -14.97 6.42
C THR A 519 1.44 -15.20 7.90
N ILE A 520 2.53 -15.38 8.65
CA ILE A 520 2.44 -15.46 10.09
C ILE A 520 1.57 -14.33 10.61
N TYR A 521 1.95 -13.10 10.27
CA TYR A 521 1.26 -11.92 10.75
C TYR A 521 -0.25 -12.11 10.66
N GLN A 522 -0.75 -12.46 9.46
CA GLN A 522 -2.19 -12.37 9.29
C GLN A 522 -2.90 -13.24 10.31
N PHE A 523 -2.42 -14.47 10.51
CA PHE A 523 -3.10 -15.36 11.44
C PHE A 523 -3.02 -14.80 12.84
N GLN A 524 -1.84 -14.34 13.25
CA GLN A 524 -1.73 -13.56 14.47
C GLN A 524 -2.84 -12.52 14.52
N PHE A 525 -2.83 -11.59 13.56
CA PHE A 525 -3.87 -10.58 13.51
C PHE A 525 -5.24 -11.20 13.64
N GLN A 526 -5.49 -12.25 12.85
CA GLN A 526 -6.76 -12.94 12.89
C GLN A 526 -7.16 -13.19 14.34
N GLU A 527 -6.37 -14.00 15.04
CA GLU A 527 -6.74 -14.38 16.40
C GLU A 527 -6.99 -13.15 17.24
N ALA A 528 -6.14 -12.13 17.10
CA ALA A 528 -6.30 -10.93 17.90
C ALA A 528 -7.73 -10.42 17.82
N LEU A 529 -8.22 -10.16 16.59
CA LEU A 529 -9.57 -9.65 16.48
C LEU A 529 -10.56 -10.67 17.02
N CYS A 530 -10.36 -11.95 16.70
CA CYS A 530 -11.27 -12.98 17.18
C CYS A 530 -11.25 -13.06 18.71
N GLN A 531 -10.14 -12.66 19.32
CA GLN A 531 -10.12 -12.59 20.78
C GLN A 531 -10.99 -11.43 21.28
N ALA A 532 -10.92 -10.28 20.60
CA ALA A 532 -11.70 -9.14 21.03
C ALA A 532 -13.10 -9.15 20.43
N ALA A 533 -13.31 -9.87 19.33
CA ALA A 533 -14.62 -9.95 18.71
C ALA A 533 -15.55 -10.91 19.43
N LYS A 534 -15.17 -11.41 20.60
CA LYS A 534 -16.00 -12.30 21.41
C LYS A 534 -16.39 -13.54 20.62
N TYR A 535 -15.38 -14.31 20.25
CA TYR A 535 -15.55 -15.47 19.39
C TYR A 535 -15.23 -16.73 20.18
N ASN A 536 -15.89 -17.84 19.84
CA ASN A 536 -15.74 -19.08 20.59
C ASN A 536 -15.21 -20.24 19.76
N GLY A 537 -15.68 -20.40 18.53
CA GLY A 537 -15.42 -21.60 17.76
C GLY A 537 -13.97 -21.72 17.32
N SER A 538 -13.77 -22.64 16.37
CA SER A 538 -12.46 -22.77 15.74
C SER A 538 -12.11 -21.51 15.00
N LEU A 539 -10.83 -21.15 15.02
CA LEU A 539 -10.39 -19.92 14.38
C LEU A 539 -10.84 -19.84 12.92
N HIS A 540 -10.66 -20.92 12.16
CA HIS A 540 -10.89 -20.84 10.73
C HIS A 540 -12.34 -20.53 10.40
N LYS A 541 -13.27 -20.90 11.27
CA LYS A 541 -14.69 -20.63 11.06
C LYS A 541 -15.07 -19.38 11.86
N CYS A 542 -14.58 -18.23 11.41
CA CYS A 542 -14.83 -16.98 12.11
C CYS A 542 -15.06 -15.84 11.12
N ASP A 543 -15.89 -14.89 11.53
CA ASP A 543 -16.14 -13.65 10.81
C ASP A 543 -15.83 -12.48 11.73
N ILE A 544 -15.79 -11.28 11.16
CA ILE A 544 -15.43 -10.09 11.92
C ILE A 544 -16.51 -9.01 11.87
N SER A 545 -17.50 -9.15 10.99
CA SER A 545 -18.44 -8.06 10.80
C SER A 545 -19.36 -7.91 12.00
N ASN A 546 -20.24 -6.92 11.91
CA ASN A 546 -21.26 -6.61 12.91
C ASN A 546 -20.65 -6.48 14.31
N SER A 547 -19.56 -5.72 14.37
CA SER A 547 -18.93 -5.40 15.64
C SER A 547 -18.21 -4.07 15.47
N THR A 548 -17.74 -3.50 16.58
CA THR A 548 -17.03 -2.24 16.48
C THR A 548 -15.63 -2.36 17.05
N GLU A 549 -15.50 -3.05 18.18
CA GLU A 549 -14.19 -3.17 18.81
C GLU A 549 -13.24 -4.00 17.95
N ALA A 550 -13.79 -5.00 17.25
CA ALA A 550 -12.96 -5.78 16.34
C ALA A 550 -12.46 -4.96 15.17
N GLY A 551 -12.98 -3.76 14.97
CA GLY A 551 -12.46 -2.87 13.96
C GLY A 551 -11.59 -1.78 14.54
N GLN A 552 -12.00 -1.22 15.67
CA GLN A 552 -11.23 -0.14 16.29
C GLN A 552 -9.90 -0.65 16.82
N LYS A 553 -9.86 -1.87 17.35
CA LYS A 553 -8.59 -2.39 17.87
C LYS A 553 -7.61 -2.64 16.74
N LEU A 554 -8.11 -2.76 15.52
CA LEU A 554 -7.20 -2.79 14.37
C LEU A 554 -6.86 -1.38 13.94
N LEU A 555 -7.83 -0.48 14.00
CA LEU A 555 -7.61 0.89 13.54
C LEU A 555 -6.50 1.56 14.33
N LYS A 556 -6.47 1.33 15.64
CA LYS A 556 -5.48 1.99 16.50
C LYS A 556 -4.06 1.78 16.00
N MET A 557 -3.77 0.61 15.41
CA MET A 557 -2.47 0.42 14.78
C MET A 557 -2.52 0.79 13.31
N LEU A 558 -3.71 0.76 12.72
CA LEU A 558 -3.82 0.98 11.29
C LEU A 558 -3.32 2.37 10.93
N SER A 559 -3.69 3.37 11.72
CA SER A 559 -3.41 4.78 11.44
C SER A 559 -2.17 5.20 12.20
N LEU A 560 -1.05 4.57 11.89
CA LEU A 560 0.23 5.03 12.40
C LEU A 560 1.33 5.00 11.35
N GLY A 561 1.15 4.34 10.23
CA GLY A 561 2.25 4.27 9.31
C GLY A 561 3.43 3.58 9.96
N ASN A 562 4.63 4.01 9.61
CA ASN A 562 5.84 3.62 10.34
C ASN A 562 6.33 4.76 11.22
N SER A 563 5.41 5.54 11.77
CA SER A 563 5.78 6.59 12.72
C SER A 563 6.43 5.99 13.96
N GLU A 564 5.98 4.92 14.35
CA GLU A 564 6.27 4.10 15.50
C GLU A 564 7.03 2.85 15.08
N PRO A 565 8.01 2.37 15.85
CA PRO A 565 8.72 1.16 15.43
C PRO A 565 7.76 -0.01 15.42
N TRP A 566 7.82 -0.79 14.35
CA TRP A 566 6.71 -1.70 14.03
C TRP A 566 6.42 -2.65 15.17
N THR A 567 7.37 -2.89 16.06
CA THR A 567 7.10 -3.75 17.20
C THR A 567 6.01 -3.18 18.09
N LYS A 568 6.05 -1.87 18.34
CA LYS A 568 5.00 -1.27 19.15
C LYS A 568 3.66 -1.31 18.45
N ALA A 569 3.64 -0.97 17.15
CA ALA A 569 2.39 -1.04 16.39
C ALA A 569 1.81 -2.44 16.46
N LEU A 570 2.65 -3.45 16.24
CA LEU A 570 2.22 -4.84 16.38
C LEU A 570 1.64 -5.10 17.76
N GLU A 571 2.38 -4.77 18.81
CA GLU A 571 1.94 -5.01 20.17
C GLU A 571 0.64 -4.28 20.51
N ASN A 572 0.31 -3.22 19.79
CA ASN A 572 -0.97 -2.56 20.07
C ASN A 572 -2.17 -3.44 19.79
N VAL A 573 -2.04 -4.46 18.93
CA VAL A 573 -3.16 -5.30 18.53
C VAL A 573 -3.01 -6.73 19.01
N VAL A 574 -1.80 -7.27 19.01
CA VAL A 574 -1.58 -8.68 19.30
C VAL A 574 -1.17 -8.89 20.76
N GLY A 575 -0.55 -7.88 21.36
CA GLY A 575 0.04 -8.06 22.66
C GLY A 575 1.37 -8.77 22.65
N ALA A 576 1.75 -9.38 21.53
CA ALA A 576 3.07 -9.95 21.36
C ALA A 576 3.98 -8.91 20.73
N ARG A 577 5.21 -9.31 20.43
CA ARG A 577 6.22 -8.38 19.97
C ARG A 577 7.09 -8.91 18.85
N ASN A 578 6.80 -10.10 18.33
CA ASN A 578 7.65 -10.72 17.31
C ASN A 578 6.78 -11.61 16.45
N MET A 579 7.39 -12.22 15.44
CA MET A 579 6.73 -13.30 14.72
C MET A 579 6.50 -14.44 15.71
N ASP A 580 5.24 -14.78 15.96
CA ASP A 580 4.84 -15.53 17.14
C ASP A 580 3.93 -16.67 16.75
N VAL A 581 4.39 -17.55 15.86
CA VAL A 581 3.44 -18.43 15.20
C VAL A 581 3.07 -19.59 16.12
N LYS A 582 2.23 -19.28 17.10
CA LYS A 582 1.29 -20.22 17.69
C LYS A 582 -0.01 -20.21 16.89
N PRO A 583 -0.58 -19.03 16.57
CA PRO A 583 -1.95 -19.02 16.04
C PRO A 583 -2.11 -19.68 14.69
N LEU A 584 -1.08 -19.70 13.84
CA LEU A 584 -1.23 -20.38 12.56
C LEU A 584 -1.56 -21.85 12.78
N LEU A 585 -0.71 -22.56 13.51
CA LEU A 585 -0.97 -23.97 13.79
C LEU A 585 -2.29 -24.17 14.50
N ASN A 586 -2.76 -23.15 15.23
CA ASN A 586 -4.12 -23.24 15.78
C ASN A 586 -5.16 -23.16 14.68
N TYR A 587 -4.91 -22.35 13.65
CA TYR A 587 -5.87 -22.21 12.57
C TYR A 587 -5.97 -23.49 11.75
N PHE A 588 -4.85 -24.14 11.46
CA PHE A 588 -4.84 -25.38 10.71
C PHE A 588 -4.95 -26.61 11.60
N GLN A 589 -5.53 -26.47 12.79
CA GLN A 589 -5.59 -27.60 13.71
C GLN A 589 -6.43 -28.75 13.20
N PRO A 590 -7.68 -28.55 12.73
CA PRO A 590 -8.41 -29.68 12.15
C PRO A 590 -7.66 -30.37 11.04
N LEU A 591 -7.09 -29.60 10.10
CA LEU A 591 -6.32 -30.24 9.05
C LEU A 591 -5.08 -30.90 9.61
N PHE A 592 -4.50 -30.36 10.68
CA PHE A 592 -3.36 -31.02 11.29
C PHE A 592 -3.75 -32.42 11.77
N ASP A 593 -4.84 -32.51 12.52
CA ASP A 593 -5.29 -33.80 13.01
C ASP A 593 -5.62 -34.75 11.87
N TRP A 594 -6.38 -34.27 10.88
CA TRP A 594 -6.81 -35.17 9.82
C TRP A 594 -5.63 -35.62 8.96
N LEU A 595 -4.64 -34.75 8.77
CA LEU A 595 -3.43 -35.16 8.08
C LEU A 595 -2.69 -36.23 8.86
N LYS A 596 -2.59 -36.06 10.18
CA LYS A 596 -2.02 -37.12 11.01
C LYS A 596 -2.75 -38.44 10.78
N GLU A 597 -4.08 -38.39 10.77
CA GLU A 597 -4.86 -39.62 10.64
C GLU A 597 -4.66 -40.26 9.28
N GLN A 598 -4.59 -39.47 8.22
CA GLN A 598 -4.26 -40.00 6.90
C GLN A 598 -2.81 -40.39 6.77
N ASN A 599 -1.98 -40.06 7.77
CA ASN A 599 -0.57 -40.41 7.75
C ASN A 599 -0.20 -41.42 8.82
N ARG A 600 -1.17 -42.20 9.29
CA ARG A 600 -0.87 -43.25 10.25
C ARG A 600 -0.02 -44.36 9.64
N ASN A 601 0.02 -44.46 8.32
CA ASN A 601 0.74 -45.52 7.62
C ASN A 601 1.53 -44.96 6.45
N SER A 602 2.17 -43.81 6.66
CA SER A 602 3.06 -43.23 5.66
C SER A 602 4.34 -42.81 6.37
N PHE A 603 5.27 -42.22 5.61
CA PHE A 603 6.58 -41.86 6.13
C PHE A 603 6.73 -40.35 6.09
N VAL A 604 6.33 -39.69 7.17
CA VAL A 604 6.43 -38.24 7.26
C VAL A 604 7.90 -37.87 7.32
N GLY A 605 8.40 -37.27 6.25
CA GLY A 605 9.80 -36.97 6.07
C GLY A 605 10.30 -37.51 4.76
N TRP A 606 11.53 -37.20 4.43
CA TRP A 606 12.07 -37.59 3.13
C TRP A 606 13.58 -37.80 3.26
N ASN A 607 14.15 -38.46 2.26
CA ASN A 607 15.58 -38.64 2.13
C ASN A 607 16.02 -38.01 0.82
N THR A 608 17.30 -38.09 0.51
CA THR A 608 17.84 -37.55 -0.75
C THR A 608 18.67 -38.64 -1.41
N GLU A 609 18.00 -39.53 -2.13
CA GLU A 609 18.69 -40.54 -2.93
C GLU A 609 18.10 -40.76 -4.31
N TRP A 610 16.89 -40.28 -4.59
CA TRP A 610 16.32 -40.46 -5.91
C TRP A 610 17.22 -39.83 -6.97
N SER A 611 17.67 -40.65 -7.91
CA SER A 611 18.44 -40.09 -8.99
C SER A 611 17.55 -39.88 -10.21
N PRO A 612 17.77 -38.82 -10.98
CA PRO A 612 17.01 -38.65 -12.23
C PRO A 612 17.18 -39.83 -13.16
N TYR A 613 18.39 -40.34 -13.29
CA TYR A 613 18.62 -41.57 -14.03
C TYR A 613 19.95 -42.17 -13.59
N ALA A 614 19.88 -43.29 -12.88
CA ALA A 614 21.09 -43.97 -12.45
C ALA A 614 21.34 -45.27 -13.20
N ASP A 615 20.56 -45.58 -14.24
CA ASP A 615 20.73 -46.80 -15.00
C ASP A 615 21.92 -46.68 -15.96
N THR B 14 -30.37 52.90 1.57
CA THR B 14 -31.68 52.32 1.78
C THR B 14 -32.05 51.39 0.64
N ASN B 15 -31.11 50.52 0.27
CA ASN B 15 -31.32 49.52 -0.76
C ASN B 15 -30.50 48.28 -0.47
N LEU B 16 -30.84 47.19 -1.14
CA LEU B 16 -30.10 45.96 -1.03
C LEU B 16 -28.67 46.19 -1.51
N CYS B 17 -27.74 45.42 -0.94
CA CYS B 17 -26.34 45.74 -1.20
C CYS B 17 -25.58 44.51 -1.69
N PRO B 18 -24.30 44.63 -2.14
CA PRO B 18 -23.77 43.65 -3.09
C PRO B 18 -23.41 42.27 -2.56
N PHE B 19 -24.00 41.84 -1.44
CA PHE B 19 -23.71 40.50 -0.90
C PHE B 19 -23.54 39.48 -2.01
N GLY B 20 -24.49 39.43 -2.94
CA GLY B 20 -24.38 38.55 -4.07
C GLY B 20 -23.12 38.79 -4.87
N GLU B 21 -22.83 40.07 -5.15
CA GLU B 21 -21.64 40.38 -5.93
C GLU B 21 -20.38 39.95 -5.19
N VAL B 22 -20.45 39.80 -3.86
CA VAL B 22 -19.34 39.21 -3.13
C VAL B 22 -19.28 37.71 -3.39
N PHE B 23 -20.45 37.06 -3.30
CA PHE B 23 -20.46 35.60 -3.36
C PHE B 23 -20.30 35.09 -4.78
N ASN B 24 -21.00 35.67 -5.75
CA ASN B 24 -21.03 35.10 -7.09
C ASN B 24 -19.95 35.66 -8.01
N ALA B 25 -18.91 36.28 -7.45
CA ALA B 25 -17.77 36.68 -8.26
C ALA B 25 -17.06 35.44 -8.78
N THR B 26 -16.24 35.62 -9.81
CA THR B 26 -15.49 34.49 -10.34
C THR B 26 -13.99 34.67 -10.19
N ARG B 27 -13.55 35.61 -9.37
CA ARG B 27 -12.12 35.81 -9.12
C ARG B 27 -11.95 35.93 -7.61
N PHE B 28 -11.76 34.80 -6.94
CA PHE B 28 -11.43 34.79 -5.53
C PHE B 28 -9.93 34.74 -5.34
N ALA B 29 -9.42 35.57 -4.44
CA ALA B 29 -7.99 35.78 -4.33
C ALA B 29 -7.38 34.89 -3.26
N SER B 30 -6.09 34.59 -3.44
CA SER B 30 -5.38 33.65 -2.60
C SER B 30 -5.55 34.01 -1.13
N VAL B 31 -5.33 33.02 -0.27
CA VAL B 31 -5.66 33.21 1.14
C VAL B 31 -4.84 34.34 1.75
N TYR B 32 -3.52 34.34 1.53
CA TYR B 32 -2.68 35.36 2.17
C TYR B 32 -3.06 36.75 1.73
N ALA B 33 -3.35 36.92 0.44
CA ALA B 33 -3.64 38.22 -0.14
C ALA B 33 -5.13 38.51 -0.09
N TRP B 34 -5.79 37.99 0.92
CA TRP B 34 -7.25 38.03 0.97
C TRP B 34 -7.76 39.45 0.83
N ASN B 35 -8.58 39.66 -0.20
CA ASN B 35 -9.17 40.98 -0.39
C ASN B 35 -10.30 41.17 0.61
N ARG B 36 -10.80 42.40 0.68
CA ARG B 36 -11.84 42.76 1.63
C ARG B 36 -12.71 43.84 1.00
N LYS B 37 -14.01 43.62 1.01
CA LYS B 37 -14.94 44.54 0.37
C LYS B 37 -15.87 45.11 1.43
N ARG B 38 -15.47 46.21 2.04
CA ARG B 38 -16.33 46.88 2.99
C ARG B 38 -17.68 47.19 2.34
N ILE B 39 -18.75 46.98 3.09
CA ILE B 39 -20.10 47.30 2.63
C ILE B 39 -20.72 48.25 3.63
N SER B 40 -21.61 49.13 3.15
CA SER B 40 -22.20 50.12 4.03
C SER B 40 -23.62 50.42 3.56
N ASN B 41 -24.45 50.87 4.49
CA ASN B 41 -25.80 51.37 4.21
C ASN B 41 -26.62 50.36 3.40
N CYS B 42 -26.85 49.21 4.02
CA CYS B 42 -27.63 48.14 3.39
C CYS B 42 -28.99 48.04 4.05
N VAL B 43 -30.01 47.73 3.24
CA VAL B 43 -31.19 47.02 3.72
C VAL B 43 -30.84 45.55 3.51
N ALA B 44 -30.12 44.98 4.46
CA ALA B 44 -29.47 43.69 4.29
C ALA B 44 -30.36 42.55 4.77
N ASP B 45 -30.59 41.59 3.90
CA ASP B 45 -31.34 40.39 4.21
C ASP B 45 -30.39 39.21 4.10
N TYR B 46 -29.84 38.79 5.24
CA TYR B 46 -28.95 37.64 5.24
C TYR B 46 -29.71 36.33 5.07
N SER B 47 -31.04 36.36 5.16
CA SER B 47 -31.81 35.12 5.15
C SER B 47 -31.85 34.49 3.77
N VAL B 48 -31.91 35.31 2.71
CA VAL B 48 -31.75 34.75 1.37
C VAL B 48 -30.36 34.13 1.21
N LEU B 49 -29.45 34.42 2.13
CA LEU B 49 -28.22 33.68 2.30
C LEU B 49 -28.44 32.48 3.21
N TYR B 50 -29.02 32.73 4.40
CA TYR B 50 -29.18 31.65 5.41
C TYR B 50 -29.83 30.40 4.79
N ASN B 51 -30.86 30.58 3.97
CA ASN B 51 -31.60 29.46 3.43
C ASN B 51 -30.95 28.86 2.19
N SER B 52 -29.65 29.06 2.01
CA SER B 52 -28.99 28.44 0.86
C SER B 52 -28.97 26.93 1.00
N ALA B 53 -28.59 26.43 2.18
CA ALA B 53 -28.53 24.99 2.46
C ALA B 53 -27.57 24.28 1.51
N SER B 54 -26.75 25.04 0.80
CA SER B 54 -25.75 24.47 -0.08
C SER B 54 -24.33 24.74 0.38
N PHE B 55 -24.15 25.62 1.35
CA PHE B 55 -22.82 25.89 1.88
C PHE B 55 -22.29 24.68 2.65
N SER B 56 -20.98 24.49 2.59
CA SER B 56 -20.32 23.44 3.34
C SER B 56 -20.00 23.83 4.77
N THR B 57 -20.13 25.12 5.11
CA THR B 57 -19.84 25.58 6.47
C THR B 57 -20.55 26.88 6.77
N PHE B 58 -21.51 26.84 7.69
CA PHE B 58 -22.26 28.01 8.10
C PHE B 58 -22.05 28.34 9.58
N LYS B 59 -20.90 27.97 10.14
CA LYS B 59 -20.66 28.16 11.56
C LYS B 59 -20.65 29.64 11.93
N CYS B 60 -21.67 30.09 12.65
CA CYS B 60 -21.75 31.47 13.11
C CYS B 60 -21.21 31.56 14.52
N TYR B 61 -20.60 32.69 14.85
CA TYR B 61 -20.11 32.94 16.19
C TYR B 61 -20.77 34.13 16.85
N GLY B 62 -21.86 34.63 16.27
CA GLY B 62 -22.57 35.77 16.83
C GLY B 62 -24.01 35.47 17.12
N VAL B 63 -24.91 36.38 16.74
CA VAL B 63 -26.34 36.19 17.00
C VAL B 63 -26.97 35.43 15.84
N SER B 64 -28.12 34.81 16.10
CA SER B 64 -28.75 33.92 15.13
C SER B 64 -29.08 34.68 13.85
N PRO B 65 -29.20 33.96 12.72
CA PRO B 65 -29.64 34.62 11.47
C PRO B 65 -30.87 35.49 11.63
N THR B 66 -31.78 35.10 12.52
CA THR B 66 -32.96 35.88 12.84
C THR B 66 -32.59 37.28 13.30
N LYS B 67 -31.88 37.37 14.42
CA LYS B 67 -31.56 38.67 15.00
C LYS B 67 -30.61 39.46 14.11
N LEU B 68 -29.78 38.77 13.31
CA LEU B 68 -29.04 39.43 12.25
C LEU B 68 -29.98 40.15 11.30
N ASN B 69 -31.00 39.42 10.82
CA ASN B 69 -31.93 40.01 9.86
C ASN B 69 -32.74 41.15 10.48
N ASP B 70 -33.02 41.06 11.78
CA ASP B 70 -33.86 42.05 12.42
C ASP B 70 -33.12 43.30 12.86
N LEU B 71 -31.83 43.20 13.17
CA LEU B 71 -31.11 44.31 13.75
C LEU B 71 -30.26 45.01 12.68
N CYS B 72 -30.13 46.32 12.85
CA CYS B 72 -29.31 47.15 11.98
C CYS B 72 -27.98 47.45 12.65
N PHE B 73 -26.88 47.05 12.02
CA PHE B 73 -25.53 47.27 12.53
C PHE B 73 -24.98 48.58 11.99
N THR B 74 -23.79 48.94 12.47
CA THR B 74 -23.15 50.18 12.03
C THR B 74 -22.43 50.00 10.69
N ASN B 75 -21.44 49.11 10.64
CA ASN B 75 -20.66 48.88 9.43
C ASN B 75 -20.23 47.43 9.38
N VAL B 76 -20.16 46.86 8.19
CA VAL B 76 -19.84 45.45 7.99
C VAL B 76 -18.56 45.35 7.17
N TYR B 77 -17.90 44.20 7.27
CA TYR B 77 -16.72 43.90 6.46
C TYR B 77 -16.82 42.47 5.94
N ALA B 78 -16.41 42.25 4.71
CA ALA B 78 -16.55 40.95 4.07
C ALA B 78 -15.24 40.54 3.43
N ASP B 79 -14.74 39.35 4.04
CA ASP B 79 -13.45 38.79 3.57
C ASP B 79 -13.76 37.64 2.60
N SER B 80 -12.76 37.30 1.69
CA SER B 80 -13.01 36.19 0.78
C SER B 80 -11.70 35.61 0.31
N PHE B 81 -11.57 34.28 0.38
CA PHE B 81 -10.32 33.65 -0.03
C PHE B 81 -10.56 32.16 -0.28
N VAL B 82 -9.49 31.42 -0.48
CA VAL B 82 -9.54 30.05 -0.98
C VAL B 82 -8.51 29.20 -0.26
N ILE B 83 -8.95 28.05 0.27
CA ILE B 83 -8.12 27.16 1.07
C ILE B 83 -8.53 25.73 0.81
N ARG B 84 -7.68 24.79 1.20
CA ARG B 84 -7.98 23.39 1.04
C ARG B 84 -9.18 22.99 1.88
N GLY B 85 -9.59 21.74 1.76
CA GLY B 85 -10.78 21.31 2.46
C GLY B 85 -10.60 21.26 3.95
N ASP B 86 -9.60 20.51 4.43
CA ASP B 86 -9.49 20.27 5.86
C ASP B 86 -9.08 21.50 6.65
N GLU B 87 -9.08 22.67 6.03
CA GLU B 87 -8.71 23.90 6.72
C GLU B 87 -9.86 24.88 6.81
N VAL B 88 -11.10 24.42 6.67
CA VAL B 88 -12.23 25.30 6.94
C VAL B 88 -12.52 25.35 8.43
N ARG B 89 -11.96 24.42 9.20
CA ARG B 89 -12.09 24.49 10.64
C ARG B 89 -11.07 25.45 11.26
N GLN B 90 -10.00 25.78 10.53
CA GLN B 90 -8.97 26.64 11.10
C GLN B 90 -9.45 28.07 11.19
N ILE B 91 -10.24 28.51 10.22
CA ILE B 91 -10.82 29.83 10.30
C ILE B 91 -11.94 29.78 11.33
N ALA B 92 -11.64 30.22 12.54
CA ALA B 92 -12.52 30.10 13.69
C ALA B 92 -11.88 30.81 14.87
N PRO B 93 -12.67 31.25 15.84
CA PRO B 93 -12.11 32.07 16.92
C PRO B 93 -11.18 31.28 17.80
N GLY B 94 -9.95 31.13 17.34
CA GLY B 94 -8.93 30.44 18.09
C GLY B 94 -8.71 29.06 17.53
N GLN B 95 -7.73 28.92 16.65
CA GLN B 95 -7.41 27.62 16.09
C GLN B 95 -6.02 27.69 15.48
N THR B 96 -5.08 26.92 16.02
CA THR B 96 -3.75 26.91 15.44
C THR B 96 -3.73 26.01 14.22
N GLY B 97 -2.57 25.91 13.58
CA GLY B 97 -2.46 25.03 12.44
C GLY B 97 -1.42 25.46 11.45
N ASN B 98 -1.40 24.82 10.27
CA ASN B 98 -0.38 25.13 9.28
C ASN B 98 -0.51 26.57 8.80
N ILE B 99 -1.74 27.05 8.60
CA ILE B 99 -1.81 28.46 8.26
C ILE B 99 -2.42 29.25 9.41
N ALA B 100 -3.75 29.32 9.49
CA ALA B 100 -4.52 29.59 10.69
C ALA B 100 -4.07 30.79 11.52
N ASP B 101 -2.80 31.16 11.42
CA ASP B 101 -2.21 32.31 12.08
C ASP B 101 -1.09 32.90 11.24
N TYR B 102 -0.82 32.30 10.10
CA TYR B 102 0.08 32.91 9.13
C TYR B 102 -0.64 33.55 7.97
N ASN B 103 -1.91 33.23 7.73
CA ASN B 103 -2.63 33.78 6.61
C ASN B 103 -3.91 34.48 6.99
N TYR B 104 -4.68 33.95 7.92
CA TYR B 104 -5.89 34.63 8.34
C TYR B 104 -6.25 34.11 9.72
N LYS B 105 -6.03 34.92 10.76
CA LYS B 105 -6.20 34.50 12.13
C LYS B 105 -7.24 35.37 12.79
N LEU B 106 -8.44 34.85 12.97
CA LEU B 106 -9.49 35.62 13.60
C LEU B 106 -9.16 35.86 15.07
N PRO B 107 -9.78 36.86 15.68
CA PRO B 107 -9.52 37.17 17.09
C PRO B 107 -10.34 36.28 18.02
N ASP B 108 -10.24 36.58 19.31
CA ASP B 108 -10.82 35.74 20.34
C ASP B 108 -12.32 35.95 20.53
N ASP B 109 -12.82 37.17 20.36
CA ASP B 109 -14.23 37.47 20.59
C ASP B 109 -14.96 37.77 19.29
N PHE B 110 -14.36 37.45 18.16
CA PHE B 110 -14.88 37.82 16.85
C PHE B 110 -16.36 37.50 16.71
N THR B 111 -17.10 38.40 16.06
CA THR B 111 -18.55 38.29 16.02
C THR B 111 -19.10 38.31 14.60
N GLY B 112 -18.53 37.52 13.70
CA GLY B 112 -19.06 37.38 12.37
C GLY B 112 -19.23 35.91 12.02
N CYS B 113 -19.70 35.68 10.80
CA CYS B 113 -19.97 34.32 10.35
C CYS B 113 -18.93 33.92 9.31
N VAL B 114 -18.82 32.62 9.09
CA VAL B 114 -17.82 32.05 8.21
C VAL B 114 -18.54 31.13 7.22
N ILE B 115 -18.72 31.61 5.99
CA ILE B 115 -19.41 30.87 4.95
C ILE B 115 -18.35 30.17 4.12
N ALA B 116 -18.64 28.94 3.68
CA ALA B 116 -17.64 28.22 2.92
C ALA B 116 -18.32 27.16 2.07
N TRP B 117 -17.88 27.05 0.83
CA TRP B 117 -18.47 26.06 -0.07
C TRP B 117 -17.41 25.45 -0.96
N ASN B 118 -17.48 24.14 -1.12
CA ASN B 118 -16.59 23.43 -2.03
C ASN B 118 -17.06 23.71 -3.44
N SER B 119 -16.37 24.60 -4.14
CA SER B 119 -16.53 24.68 -5.58
C SER B 119 -15.29 24.08 -6.22
N ASN B 120 -15.29 22.76 -6.34
CA ASN B 120 -14.18 22.08 -7.00
C ASN B 120 -14.18 22.36 -8.50
N ASN B 121 -15.33 22.21 -9.15
CA ASN B 121 -15.38 22.30 -10.60
C ASN B 121 -14.88 23.65 -11.09
N LEU B 122 -15.24 24.72 -10.39
CA LEU B 122 -15.02 26.07 -10.89
C LEU B 122 -13.59 26.54 -10.67
N ASP B 123 -13.03 26.26 -9.49
CA ASP B 123 -11.79 26.87 -9.02
C ASP B 123 -10.58 25.98 -9.25
N SER B 124 -10.76 24.87 -9.96
CA SER B 124 -9.72 23.86 -9.95
C SER B 124 -9.73 23.15 -11.28
N LYS B 125 -8.82 23.51 -12.16
CA LYS B 125 -8.82 22.97 -13.50
C LYS B 125 -7.76 21.88 -13.59
N VAL B 126 -8.05 20.87 -14.41
CA VAL B 126 -7.14 19.76 -14.60
C VAL B 126 -5.77 20.29 -15.01
N GLY B 127 -4.73 19.58 -14.59
CA GLY B 127 -3.37 20.04 -14.77
C GLY B 127 -2.87 20.95 -13.67
N GLY B 128 -3.76 21.56 -12.90
CA GLY B 128 -3.37 22.34 -11.75
C GLY B 128 -3.71 23.81 -11.84
N ASN B 129 -4.49 24.31 -10.89
CA ASN B 129 -4.90 25.71 -10.86
C ASN B 129 -3.96 26.45 -9.93
N TYR B 130 -2.70 26.56 -10.34
CA TYR B 130 -1.60 27.01 -9.49
C TYR B 130 -1.78 28.43 -8.97
N ASN B 131 -2.79 29.17 -9.43
CA ASN B 131 -2.86 30.59 -9.11
C ASN B 131 -3.32 30.88 -7.70
N TYR B 132 -3.30 29.90 -6.80
CA TYR B 132 -3.68 30.13 -5.41
C TYR B 132 -2.45 29.94 -4.52
N LEU B 133 -2.17 30.94 -3.68
CA LEU B 133 -0.98 30.95 -2.85
C LEU B 133 -1.34 31.02 -1.38
N TYR B 134 -0.53 30.38 -0.54
CA TYR B 134 -0.71 30.40 0.90
C TYR B 134 0.66 30.53 1.54
N ARG B 135 0.73 31.30 2.61
CA ARG B 135 2.00 31.63 3.25
C ARG B 135 2.29 30.58 4.30
N LEU B 136 3.35 29.82 4.08
CA LEU B 136 3.85 28.79 4.96
C LEU B 136 4.62 29.49 6.08
N PHE B 137 5.54 28.77 6.73
CA PHE B 137 6.28 29.26 7.88
C PHE B 137 6.65 30.74 7.77
N ARG B 138 6.46 31.46 8.86
CA ARG B 138 6.79 32.87 8.98
C ARG B 138 7.57 33.04 10.29
N LYS B 139 7.95 34.28 10.61
CA LYS B 139 8.70 34.56 11.82
C LYS B 139 7.87 34.47 13.09
N SER B 140 6.65 34.99 13.08
CA SER B 140 5.86 35.07 14.30
C SER B 140 4.39 34.93 13.95
N ASN B 141 3.59 34.65 14.97
CA ASN B 141 2.16 34.53 14.79
C ASN B 141 1.53 35.89 14.58
N LEU B 142 0.65 35.98 13.60
CA LEU B 142 0.06 37.24 13.21
C LEU B 142 -1.04 37.64 14.18
N LYS B 143 -1.78 38.65 13.84
CA LYS B 143 -2.71 39.28 14.75
C LYS B 143 -4.08 39.31 14.08
N PRO B 144 -5.13 39.80 14.75
CA PRO B 144 -6.42 39.91 14.08
C PRO B 144 -6.36 40.77 12.84
N PHE B 145 -6.94 40.25 11.75
CA PHE B 145 -7.29 41.02 10.57
C PHE B 145 -6.08 41.55 9.80
N GLU B 146 -4.86 41.31 10.27
CA GLU B 146 -3.70 41.93 9.64
C GLU B 146 -3.16 41.00 8.57
N ARG B 147 -3.36 41.38 7.33
CA ARG B 147 -2.87 40.69 6.16
C ARG B 147 -1.36 40.81 6.14
N ASP B 148 -0.68 39.90 5.45
CA ASP B 148 0.76 40.01 5.26
C ASP B 148 1.10 39.73 3.81
N ILE B 149 1.34 40.81 3.05
CA ILE B 149 1.62 40.72 1.63
C ILE B 149 3.07 40.43 1.34
N SER B 150 3.93 40.44 2.37
CA SER B 150 5.36 40.43 2.16
C SER B 150 5.82 39.19 1.43
N THR B 151 7.01 39.27 0.85
CA THR B 151 7.66 38.12 0.23
C THR B 151 9.13 38.02 0.61
N GLU B 152 9.52 38.54 1.76
CA GLU B 152 10.91 38.49 2.15
C GLU B 152 11.31 37.06 2.53
N ILE B 153 12.44 36.61 1.99
CA ILE B 153 12.90 35.26 2.25
C ILE B 153 12.94 34.96 3.75
N TYR B 154 12.61 33.73 4.10
CA TYR B 154 12.58 33.28 5.49
C TYR B 154 13.93 32.70 5.85
N GLN B 155 14.57 33.26 6.87
CA GLN B 155 15.90 32.85 7.31
C GLN B 155 15.74 31.83 8.41
N ALA B 156 16.06 30.57 8.08
CA ALA B 156 15.88 29.49 9.04
C ALA B 156 16.75 29.69 10.28
N GLY B 157 18.07 29.68 10.10
CA GLY B 157 18.99 29.84 11.21
C GLY B 157 19.52 31.25 11.38
N SER B 158 20.82 31.43 11.15
CA SER B 158 21.44 32.75 11.25
C SER B 158 22.41 33.05 10.12
N THR B 159 22.60 32.14 9.19
CA THR B 159 23.45 32.42 8.04
C THR B 159 22.77 33.41 7.10
N PRO B 160 23.48 34.41 6.59
CA PRO B 160 22.89 35.34 5.63
C PRO B 160 22.90 34.75 4.23
N CYS B 161 21.77 34.88 3.53
CA CYS B 161 21.64 34.45 2.13
C CYS B 161 21.22 35.59 1.21
N ASN B 162 20.90 36.76 1.76
CA ASN B 162 20.77 37.99 0.98
C ASN B 162 19.74 37.87 -0.13
N GLY B 163 18.58 37.29 0.19
CA GLY B 163 17.50 37.28 -0.77
C GLY B 163 17.66 36.32 -1.92
N VAL B 164 18.12 35.11 -1.68
CA VAL B 164 18.05 34.02 -2.65
C VAL B 164 17.82 32.74 -1.87
N GLU B 165 16.78 31.98 -2.26
CA GLU B 165 16.45 30.77 -1.53
C GLU B 165 17.55 29.74 -1.67
N GLY B 166 18.02 29.23 -0.55
CA GLY B 166 19.12 28.28 -0.53
C GLY B 166 19.12 27.53 0.77
N PHE B 167 20.28 26.98 1.12
CA PHE B 167 20.44 26.18 2.34
C PHE B 167 19.84 26.92 3.53
N ASN B 168 18.78 26.35 4.09
CA ASN B 168 18.09 26.95 5.23
C ASN B 168 17.68 28.39 4.96
N CYS B 169 17.31 28.67 3.71
CA CYS B 169 16.70 29.95 3.33
C CYS B 169 15.54 29.64 2.39
N TYR B 170 14.32 29.85 2.88
CA TYR B 170 13.13 29.41 2.19
C TYR B 170 12.20 30.58 1.89
N PHE B 171 11.41 30.43 0.82
CA PHE B 171 10.40 31.34 0.32
C PHE B 171 9.10 31.13 1.08
N PRO B 172 8.46 32.17 1.60
CA PRO B 172 7.24 31.94 2.39
C PRO B 172 6.08 31.42 1.57
N LEU B 173 5.72 32.11 0.49
CA LEU B 173 4.52 31.78 -0.26
C LEU B 173 4.68 30.48 -1.04
N HIS B 174 3.96 29.44 -0.66
CA HIS B 174 3.86 28.24 -1.48
C HIS B 174 2.49 28.23 -2.12
N SER B 175 2.26 27.30 -3.02
CA SER B 175 0.99 27.21 -3.73
C SER B 175 0.53 25.76 -3.73
N TYR B 176 -0.72 25.52 -3.33
CA TYR B 176 -1.30 24.20 -3.47
C TYR B 176 -2.06 24.13 -4.78
N GLY B 177 -1.41 23.51 -5.77
CA GLY B 177 -2.03 23.32 -7.05
C GLY B 177 -3.25 22.44 -6.95
N PHE B 178 -4.42 23.02 -7.12
CA PHE B 178 -5.63 22.22 -7.05
C PHE B 178 -5.76 21.37 -8.31
N GLN B 179 -6.66 20.40 -8.23
CA GLN B 179 -7.06 19.57 -9.38
C GLN B 179 -8.50 19.15 -9.12
N PRO B 180 -9.14 18.49 -10.07
CA PRO B 180 -10.49 18.00 -9.80
C PRO B 180 -10.50 16.61 -9.19
N THR B 181 -9.44 15.85 -9.44
CA THR B 181 -9.33 14.48 -8.96
C THR B 181 -8.63 14.46 -7.59
N TYR B 182 -9.27 15.14 -6.63
CA TYR B 182 -8.75 15.22 -5.28
C TYR B 182 -9.70 14.58 -4.28
N GLY B 183 -9.39 14.73 -3.00
CA GLY B 183 -10.25 14.25 -1.94
C GLY B 183 -11.21 15.36 -1.54
N VAL B 184 -12.12 15.04 -0.63
CA VAL B 184 -13.14 16.00 -0.23
C VAL B 184 -12.52 16.98 0.75
N GLY B 185 -11.24 16.80 1.03
CA GLY B 185 -10.58 17.66 1.99
C GLY B 185 -9.39 18.39 1.41
N TYR B 186 -9.12 18.21 0.12
CA TYR B 186 -8.00 18.85 -0.54
C TYR B 186 -8.45 19.72 -1.72
N GLN B 187 -9.74 20.01 -1.81
CA GLN B 187 -10.40 20.74 -2.87
C GLN B 187 -10.59 22.20 -2.48
N PRO B 188 -10.67 23.11 -3.43
CA PRO B 188 -10.73 24.52 -3.05
C PRO B 188 -12.05 24.89 -2.43
N TYR B 189 -12.09 25.03 -1.12
CA TYR B 189 -13.30 25.44 -0.42
C TYR B 189 -13.28 26.95 -0.33
N ARG B 190 -14.01 27.60 -1.22
CA ARG B 190 -14.08 29.06 -1.14
C ARG B 190 -14.66 29.46 0.20
N VAL B 191 -14.16 30.55 0.76
CA VAL B 191 -14.61 31.01 2.07
C VAL B 191 -14.86 32.50 2.02
N VAL B 192 -15.84 32.95 2.79
CA VAL B 192 -16.18 34.36 2.93
C VAL B 192 -16.51 34.62 4.39
N VAL B 193 -15.86 35.59 4.98
CA VAL B 193 -16.01 35.88 6.41
C VAL B 193 -16.69 37.23 6.55
N LEU B 194 -17.81 37.25 7.24
CA LEU B 194 -18.50 38.50 7.53
C LEU B 194 -18.20 38.92 8.95
N SER B 195 -17.49 40.04 9.10
CA SER B 195 -17.21 40.62 10.40
C SER B 195 -18.05 41.86 10.60
N PHE B 196 -18.92 41.84 11.59
CA PHE B 196 -19.73 42.99 11.97
C PHE B 196 -19.04 43.73 13.10
N GLU B 197 -19.57 44.90 13.43
CA GLU B 197 -19.25 45.59 14.67
C GLU B 197 -20.19 46.76 14.85
N LEU B 198 -20.54 47.05 16.10
CA LEU B 198 -21.44 48.14 16.45
C LEU B 198 -20.68 49.14 17.30
N LEU B 199 -20.71 50.41 16.89
CA LEU B 199 -20.00 51.48 17.60
C LEU B 199 -21.02 52.56 17.96
N HIS B 200 -20.50 53.68 18.48
CA HIS B 200 -21.34 54.80 18.86
C HIS B 200 -22.02 55.47 17.67
N ALA B 201 -21.58 55.17 16.45
CA ALA B 201 -22.19 55.76 15.27
C ALA B 201 -23.63 55.28 15.10
N PRO B 202 -24.49 56.10 14.52
CA PRO B 202 -25.83 55.61 14.15
C PRO B 202 -25.72 54.47 13.16
N ALA B 203 -26.39 53.36 13.48
CA ALA B 203 -26.24 52.13 12.72
C ALA B 203 -26.77 52.31 11.30
N THR B 204 -26.01 51.81 10.32
CA THR B 204 -26.31 52.05 8.92
C THR B 204 -26.91 50.85 8.22
N VAL B 205 -26.25 49.70 8.23
CA VAL B 205 -26.69 48.52 7.50
C VAL B 205 -27.95 47.96 8.16
N CYS B 206 -29.10 48.17 7.53
CA CYS B 206 -30.39 47.78 8.09
C CYS B 206 -30.81 46.43 7.53
N GLY B 207 -31.98 45.98 7.97
CA GLY B 207 -32.53 44.71 7.53
C GLY B 207 -34.03 44.59 7.72
#